data_6GJO
#
_entry.id   6GJO
#
_cell.length_a   63.712
_cell.length_b   67.484
_cell.length_c   67.787
_cell.angle_alpha   77.51
_cell.angle_beta   77.56
_cell.angle_gamma   89.21
#
_symmetry.space_group_name_H-M   'P 1'
#
loop_
_entity.id
_entity.type
_entity.pdbx_description
1 polymer 'Glycogen synthase kinase-3 beta'
2 non-polymer (3~{Z})-5-ethanoyl-3-[[(1-methylpiperidin-4-yl)amino]-phenyl-methylidene]-1~{H}-indol-2-one
3 water water
#
_entity_poly.entity_id   1
_entity_poly.type   'polypeptide(L)'
_entity_poly.pdbx_seq_one_letter_code
;TTSFAESCKPVQQPSAFGSMKVSRDKDGSKVTTVVATPGQGPDRPQEVSYTDTKVIGNGSFGVVYQAKLCDSGELVAIKK
VLQDKRFKNRELQIMRKLDHCNIVRLRYFFYSSGEKKDEVYLNLVLDYVPETVYRVARHYSRAKQTLPVIYVKLYMYQLF
RSLAYIHSFGICHRDIKPQNLLLDPDTAVLKLCDFGSAKQLVRGEPNVSYICSRYYRAPELIFGATDYTSSIDVWSAGCV
LAELLLGQPIFPGDSGVDQLVEIIKVLGTPTREQIREMNPNYTEFKFPQIKAHPWTKVFRPRTPPEAIALCSRLLEYTPT
ARLTPLEACAHSFFDELRDPNVKLPNGRDTPALFNFTTQELSSNPPLATILIPPHARIQAAASTPTNATAASDANTGDRG
QTNNAASASASNST
;
_entity_poly.pdbx_strand_id   A,B
#
# COMPACT_ATOMS: atom_id res chain seq x y z
N SER A 29 27.60 10.64 23.80
CA SER A 29 26.70 9.57 23.36
C SER A 29 25.77 9.12 24.50
N LYS A 30 24.51 8.76 24.15
CA LYS A 30 23.50 8.30 25.10
C LYS A 30 23.37 6.77 25.08
N VAL A 31 23.44 6.15 26.27
CA VAL A 31 23.34 4.69 26.45
C VAL A 31 21.96 4.31 27.00
N THR A 32 21.31 3.31 26.37
CA THR A 32 20.00 2.80 26.77
C THR A 32 20.14 1.38 27.31
N THR A 33 19.94 1.21 28.63
CA THR A 33 20.02 -0.07 29.32
C THR A 33 18.61 -0.58 29.61
N VAL A 34 18.29 -1.78 29.10
CA VAL A 34 16.98 -2.40 29.26
C VAL A 34 17.11 -3.92 29.49
N VAL A 35 16.11 -4.54 30.15
CA VAL A 35 16.07 -5.97 30.44
C VAL A 35 15.19 -6.66 29.38
N ALA A 36 15.83 -7.37 28.44
CA ALA A 36 15.15 -8.04 27.33
C ALA A 36 15.24 -9.56 27.38
N THR A 37 14.15 -10.23 26.98
CA THR A 37 14.04 -11.69 26.93
C THR A 37 14.62 -12.18 25.59
N PRO A 38 15.57 -13.15 25.59
CA PRO A 38 16.11 -13.64 24.29
C PRO A 38 15.07 -14.45 23.51
N GLY A 39 15.11 -14.31 22.18
CA GLY A 39 14.20 -14.98 21.26
C GLY A 39 14.21 -16.50 21.36
N GLN A 40 15.42 -17.09 21.40
CA GLN A 40 15.62 -18.54 21.51
C GLN A 40 16.05 -18.91 22.94
N GLY A 41 15.78 -20.16 23.31
CA GLY A 41 16.12 -20.70 24.62
C GLY A 41 15.07 -20.44 25.68
N PRO A 42 15.40 -20.63 26.98
CA PRO A 42 14.40 -20.38 28.04
C PRO A 42 14.03 -18.91 28.24
N ASP A 43 12.83 -18.67 28.79
CA ASP A 43 12.30 -17.34 29.08
C ASP A 43 12.96 -16.76 30.34
N ARG A 44 14.20 -16.25 30.18
CA ARG A 44 14.98 -15.65 31.25
C ARG A 44 15.68 -14.38 30.74
N PRO A 45 15.09 -13.21 31.05
CA PRO A 45 15.65 -11.94 30.55
C PRO A 45 17.01 -11.56 31.13
N GLN A 46 17.76 -10.72 30.40
CA GLN A 46 19.10 -10.24 30.78
C GLN A 46 19.29 -8.75 30.48
N GLU A 47 20.26 -8.11 31.17
CA GLU A 47 20.57 -6.69 30.99
C GLU A 47 21.29 -6.44 29.66
N VAL A 48 20.60 -5.79 28.70
CA VAL A 48 21.11 -5.47 27.37
C VAL A 48 21.21 -3.94 27.21
N SER A 49 22.41 -3.45 26.88
CA SER A 49 22.69 -2.03 26.68
C SER A 49 22.97 -1.73 25.21
N TYR A 50 22.42 -0.61 24.70
CA TYR A 50 22.60 -0.17 23.31
C TYR A 50 22.72 1.35 23.18
N THR A 51 23.48 1.80 22.16
CA THR A 51 23.72 3.23 21.86
C THR A 51 23.59 3.52 20.34
N ASP A 52 23.63 4.83 19.97
CA ASP A 52 23.56 5.37 18.60
C ASP A 52 22.30 4.92 17.86
N THR A 53 21.11 5.26 18.41
CA THR A 53 19.82 4.91 17.82
C THR A 53 19.39 5.89 16.75
N LYS A 54 18.98 5.36 15.58
CA LYS A 54 18.49 6.16 14.45
C LYS A 54 17.39 5.44 13.67
N VAL A 55 16.39 6.20 13.19
CA VAL A 55 15.25 5.68 12.43
C VAL A 55 15.74 5.27 11.03
N ILE A 56 15.54 3.99 10.68
CA ILE A 56 15.95 3.40 9.40
C ILE A 56 14.75 2.85 8.58
N GLY A 57 13.64 2.57 9.27
CA GLY A 57 12.43 2.06 8.66
C GLY A 57 11.15 2.62 9.26
N ASN A 58 10.08 2.70 8.44
CA ASN A 58 8.76 3.21 8.82
C ASN A 58 7.72 2.50 7.96
N GLY A 59 6.79 1.80 8.61
CA GLY A 59 5.75 1.05 7.90
C GLY A 59 4.49 0.74 8.69
N SER A 60 3.70 -0.25 8.17
CA SER A 60 2.44 -0.74 8.74
C SER A 60 2.64 -1.36 10.12
N PHE A 61 3.85 -1.93 10.33
CA PHE A 61 4.33 -2.56 11.56
C PHE A 61 4.41 -1.52 12.70
N GLY A 62 5.25 -0.51 12.48
CA GLY A 62 5.51 0.59 13.41
C GLY A 62 6.72 1.37 12.95
N VAL A 63 7.85 1.21 13.65
CA VAL A 63 9.10 1.91 13.34
C VAL A 63 10.32 0.98 13.58
N VAL A 64 11.32 1.04 12.68
CA VAL A 64 12.55 0.23 12.77
C VAL A 64 13.73 1.16 13.04
N TYR A 65 14.51 0.83 14.09
CA TYR A 65 15.71 1.57 14.49
C TYR A 65 16.98 0.77 14.19
N GLN A 66 18.15 1.43 14.25
CA GLN A 66 19.48 0.83 14.09
C GLN A 66 20.29 1.25 15.33
N ALA A 67 20.78 0.27 16.10
CA ALA A 67 21.54 0.55 17.32
C ALA A 67 22.81 -0.29 17.44
N LYS A 68 23.85 0.30 18.06
CA LYS A 68 25.14 -0.33 18.30
C LYS A 68 25.16 -0.87 19.74
N LEU A 69 25.45 -2.18 19.89
CA LEU A 69 25.51 -2.87 21.19
C LEU A 69 26.76 -2.44 21.96
N CYS A 70 26.67 -2.40 23.30
CA CYS A 70 27.79 -2.01 24.16
C CYS A 70 28.81 -3.14 24.35
N ASP A 71 28.39 -4.41 24.18
CA ASP A 71 29.23 -5.58 24.35
C ASP A 71 30.23 -5.81 23.20
N SER A 72 29.72 -6.19 22.01
CA SER A 72 30.54 -6.49 20.82
C SER A 72 30.65 -5.35 19.80
N GLY A 73 29.86 -4.29 19.96
CA GLY A 73 29.83 -3.15 19.04
C GLY A 73 29.10 -3.47 17.76
N GLU A 74 28.34 -4.59 17.76
CA GLU A 74 27.56 -5.09 16.63
C GLU A 74 26.32 -4.23 16.41
N LEU A 75 25.95 -4.02 15.13
CA LEU A 75 24.79 -3.23 14.75
C LEU A 75 23.55 -4.13 14.70
N VAL A 76 22.47 -3.69 15.36
CA VAL A 76 21.20 -4.44 15.45
C VAL A 76 20.00 -3.56 15.10
N ALA A 77 18.89 -4.18 14.68
CA ALA A 77 17.66 -3.49 14.36
C ALA A 77 16.65 -3.64 15.50
N ILE A 78 15.92 -2.56 15.81
CA ILE A 78 14.90 -2.60 16.86
C ILE A 78 13.55 -2.19 16.25
N LYS A 79 12.63 -3.15 16.10
CA LYS A 79 11.31 -2.90 15.54
C LYS A 79 10.30 -2.65 16.64
N LYS A 80 9.97 -1.36 16.86
CA LYS A 80 9.04 -0.87 17.88
C LYS A 80 7.59 -0.91 17.35
N VAL A 81 6.73 -1.71 18.00
CA VAL A 81 5.31 -1.89 17.65
C VAL A 81 4.40 -1.61 18.84
N LEU A 82 3.28 -0.90 18.64
CA LEU A 82 2.30 -0.60 19.70
C LEU A 82 1.59 -1.89 20.12
N GLN A 83 1.70 -2.28 21.41
CA GLN A 83 1.09 -3.52 21.90
C GLN A 83 -0.04 -3.30 22.91
N ASP A 84 -1.06 -4.17 22.81
CA ASP A 84 -2.27 -4.16 23.64
C ASP A 84 -2.33 -5.31 24.65
N LYS A 85 -3.20 -5.16 25.68
CA LYS A 85 -3.43 -6.15 26.73
C LYS A 85 -4.46 -7.22 26.30
N ARG A 86 -5.40 -6.84 25.39
CA ARG A 86 -6.46 -7.69 24.82
C ARG A 86 -5.94 -9.05 24.34
N PHE A 87 -4.77 -9.07 23.65
CA PHE A 87 -4.12 -10.29 23.19
C PHE A 87 -2.57 -10.16 23.14
N LYS A 88 -1.91 -11.26 22.73
CA LYS A 88 -0.46 -11.41 22.55
C LYS A 88 -0.06 -11.08 21.10
N ASN A 89 1.20 -10.67 20.88
CA ASN A 89 1.71 -10.32 19.56
C ASN A 89 1.87 -11.57 18.68
N ARG A 90 1.20 -11.59 17.52
CA ARG A 90 1.25 -12.70 16.57
C ARG A 90 2.62 -12.87 15.92
N GLU A 91 3.30 -11.75 15.56
CA GLU A 91 4.63 -11.79 14.94
C GLU A 91 5.68 -12.40 15.88
N LEU A 92 5.71 -11.93 17.16
CA LEU A 92 6.64 -12.41 18.20
C LEU A 92 6.58 -13.93 18.37
N GLN A 93 5.36 -14.51 18.42
CA GLN A 93 5.14 -15.94 18.59
C GLN A 93 5.62 -16.76 17.40
N ILE A 94 5.61 -16.18 16.19
CA ILE A 94 6.10 -16.82 14.98
C ILE A 94 7.64 -16.73 14.96
N MET A 95 8.16 -15.54 15.34
CA MET A 95 9.58 -15.21 15.38
C MET A 95 10.45 -16.05 16.33
N ARG A 96 9.95 -16.34 17.54
CA ARG A 96 10.73 -17.09 18.54
C ARG A 96 10.62 -18.63 18.39
N LYS A 97 10.04 -19.10 17.26
CA LYS A 97 9.93 -20.50 16.86
C LYS A 97 10.91 -20.71 15.69
N LEU A 98 11.25 -19.60 15.00
CA LEU A 98 12.11 -19.55 13.81
C LEU A 98 13.61 -19.43 14.10
N ASP A 99 14.39 -20.37 13.54
CA ASP A 99 15.85 -20.43 13.62
C ASP A 99 16.38 -20.95 12.27
N HIS A 100 16.76 -20.01 11.39
CA HIS A 100 17.26 -20.26 10.04
C HIS A 100 18.17 -19.12 9.61
N CYS A 101 19.27 -19.42 8.92
CA CYS A 101 20.27 -18.48 8.41
C CYS A 101 19.72 -17.48 7.36
N ASN A 102 18.62 -17.83 6.68
CA ASN A 102 18.02 -16.99 5.64
C ASN A 102 16.76 -16.22 6.13
N ILE A 103 16.66 -16.02 7.44
CA ILE A 103 15.60 -15.28 8.14
C ILE A 103 16.30 -14.49 9.26
N VAL A 104 15.95 -13.18 9.43
CA VAL A 104 16.54 -12.36 10.48
C VAL A 104 16.20 -12.95 11.85
N ARG A 105 17.23 -13.28 12.63
CA ARG A 105 17.12 -13.90 13.95
C ARG A 105 16.64 -12.89 14.98
N LEU A 106 15.73 -13.33 15.87
CA LEU A 106 15.22 -12.52 16.97
C LEU A 106 16.22 -12.69 18.12
N ARG A 107 17.11 -11.70 18.26
CA ARG A 107 18.16 -11.64 19.28
C ARG A 107 17.51 -11.57 20.67
N TYR A 108 16.69 -10.52 20.90
CA TYR A 108 16.00 -10.26 22.16
C TYR A 108 14.63 -9.59 21.89
N PHE A 109 13.83 -9.41 22.96
CA PHE A 109 12.54 -8.73 22.95
C PHE A 109 12.22 -8.10 24.32
N PHE A 110 11.82 -6.81 24.33
CA PHE A 110 11.50 -6.07 25.56
C PHE A 110 10.28 -5.14 25.40
N TYR A 111 9.80 -4.59 26.54
CA TYR A 111 8.65 -3.69 26.60
C TYR A 111 9.06 -2.30 27.11
N SER A 112 8.59 -1.24 26.42
CA SER A 112 8.86 0.16 26.75
C SER A 112 7.56 0.99 26.80
N SER A 113 7.62 2.19 27.40
CA SER A 113 6.46 3.09 27.52
C SER A 113 6.76 4.46 26.87
N GLY A 114 5.97 4.81 25.86
CA GLY A 114 6.13 6.06 25.12
C GLY A 114 4.84 6.72 24.65
N GLU A 115 3.90 6.95 25.59
CA GLU A 115 2.60 7.61 25.40
C GLU A 115 2.01 7.93 26.78
N LYS A 116 2.70 8.81 27.53
CA LYS A 116 2.40 9.26 28.90
C LYS A 116 2.38 8.08 29.90
N LYS A 117 3.10 6.97 29.54
CA LYS A 117 3.30 5.71 30.26
C LYS A 117 2.06 4.78 30.26
N ASP A 118 0.86 5.31 29.93
CA ASP A 118 -0.39 4.53 29.88
C ASP A 118 -0.42 3.49 28.74
N GLU A 119 0.33 3.76 27.66
CA GLU A 119 0.44 2.87 26.50
C GLU A 119 1.84 2.28 26.42
N VAL A 120 1.92 0.93 26.24
CA VAL A 120 3.16 0.17 26.17
C VAL A 120 3.46 -0.33 24.75
N TYR A 121 4.76 -0.48 24.42
CA TYR A 121 5.26 -0.92 23.13
C TYR A 121 6.05 -2.24 23.25
N LEU A 122 6.20 -2.96 22.11
CA LEU A 122 6.98 -4.19 22.00
C LEU A 122 8.15 -3.90 21.07
N ASN A 123 9.37 -4.05 21.60
CA ASN A 123 10.60 -3.82 20.85
C ASN A 123 11.22 -5.16 20.52
N LEU A 124 11.58 -5.37 19.24
CA LEU A 124 12.17 -6.62 18.78
C LEU A 124 13.61 -6.41 18.30
N VAL A 125 14.60 -6.88 19.08
CA VAL A 125 16.01 -6.77 18.72
C VAL A 125 16.27 -7.87 17.69
N LEU A 126 16.47 -7.46 16.43
CA LEU A 126 16.68 -8.35 15.29
C LEU A 126 18.04 -8.06 14.65
N ASP A 127 18.41 -8.85 13.62
CA ASP A 127 19.66 -8.68 12.89
C ASP A 127 19.59 -7.45 11.98
N TYR A 128 20.70 -6.70 11.88
CA TYR A 128 20.78 -5.56 10.97
C TYR A 128 21.50 -6.02 9.70
N VAL A 129 20.88 -5.76 8.54
CA VAL A 129 21.43 -6.10 7.23
C VAL A 129 21.48 -4.78 6.40
N PRO A 130 22.67 -4.38 5.86
CA PRO A 130 22.76 -3.08 5.15
C PRO A 130 21.86 -2.85 3.93
N GLU A 131 21.84 -3.77 2.94
CA GLU A 131 21.02 -3.56 1.74
C GLU A 131 19.78 -4.46 1.66
N THR A 132 19.00 -4.29 0.58
CA THR A 132 17.78 -5.04 0.24
C THR A 132 17.85 -5.42 -1.24
N VAL A 133 17.09 -6.45 -1.65
CA VAL A 133 17.00 -6.92 -3.05
C VAL A 133 16.45 -5.79 -3.94
N TYR A 134 15.48 -4.99 -3.43
CA TYR A 134 14.90 -3.85 -4.14
C TYR A 134 15.97 -2.84 -4.52
N ARG A 135 16.75 -2.37 -3.52
CA ARG A 135 17.82 -1.39 -3.69
C ARG A 135 18.90 -1.85 -4.68
N VAL A 136 19.29 -3.15 -4.60
CA VAL A 136 20.29 -3.74 -5.49
C VAL A 136 19.74 -3.81 -6.93
N ALA A 137 18.47 -4.25 -7.09
CA ALA A 137 17.80 -4.33 -8.39
C ALA A 137 17.60 -2.94 -9.01
N ARG A 138 17.34 -1.92 -8.15
CA ARG A 138 17.15 -0.51 -8.52
C ARG A 138 18.43 0.04 -9.16
N HIS A 139 19.61 -0.27 -8.57
CA HIS A 139 20.95 0.15 -9.02
C HIS A 139 21.19 -0.16 -10.50
N TYR A 140 20.81 -1.39 -10.94
CA TYR A 140 20.96 -1.86 -12.32
C TYR A 140 19.94 -1.21 -13.25
N SER A 141 18.68 -1.06 -12.78
CA SER A 141 17.58 -0.44 -13.54
C SER A 141 17.86 1.03 -13.86
N ARG A 142 18.44 1.77 -12.89
CA ARG A 142 18.81 3.18 -13.03
C ARG A 142 20.02 3.35 -13.95
N ALA A 143 20.91 2.33 -14.01
CA ALA A 143 22.11 2.32 -14.82
C ALA A 143 21.94 1.61 -16.18
N LYS A 144 20.67 1.24 -16.51
CA LYS A 144 20.27 0.55 -17.75
C LYS A 144 21.00 -0.80 -17.95
N GLN A 145 21.42 -1.42 -16.83
CA GLN A 145 22.12 -2.71 -16.78
C GLN A 145 21.21 -3.83 -16.30
N THR A 146 21.64 -5.08 -16.52
CA THR A 146 20.91 -6.29 -16.12
C THR A 146 21.62 -6.92 -14.92
N LEU A 147 20.85 -7.45 -13.95
CA LEU A 147 21.39 -8.13 -12.77
C LEU A 147 21.95 -9.50 -13.19
N PRO A 148 23.27 -9.74 -12.98
CA PRO A 148 23.86 -11.04 -13.38
C PRO A 148 23.10 -12.27 -12.87
N VAL A 149 22.99 -13.31 -13.73
CA VAL A 149 22.26 -14.55 -13.45
C VAL A 149 22.76 -15.29 -12.19
N ILE A 150 24.06 -15.11 -11.83
CA ILE A 150 24.65 -15.71 -10.62
C ILE A 150 23.97 -15.13 -9.37
N TYR A 151 23.69 -13.80 -9.37
CA TYR A 151 23.01 -13.10 -8.29
C TYR A 151 21.54 -13.49 -8.23
N VAL A 152 20.90 -13.68 -9.40
CA VAL A 152 19.50 -14.12 -9.53
C VAL A 152 19.38 -15.54 -8.95
N LYS A 153 20.37 -16.42 -9.25
CA LYS A 153 20.45 -17.80 -8.74
C LYS A 153 20.63 -17.83 -7.22
N LEU A 154 21.56 -17.02 -6.68
CA LEU A 154 21.84 -16.95 -5.24
C LEU A 154 20.70 -16.39 -4.42
N TYR A 155 20.07 -15.29 -4.88
CA TYR A 155 18.96 -14.64 -4.16
C TYR A 155 17.68 -15.46 -4.15
N MET A 156 17.33 -16.08 -5.29
CA MET A 156 16.13 -16.89 -5.41
C MET A 156 16.19 -18.20 -4.62
N TYR A 157 17.35 -18.89 -4.66
CA TYR A 157 17.57 -20.15 -3.95
C TYR A 157 17.42 -19.94 -2.44
N GLN A 158 18.00 -18.85 -1.92
CA GLN A 158 17.95 -18.49 -0.50
C GLN A 158 16.55 -18.10 -0.04
N LEU A 159 15.72 -17.54 -0.96
CA LEU A 159 14.33 -17.17 -0.68
C LEU A 159 13.46 -18.43 -0.57
N PHE A 160 13.67 -19.42 -1.46
CA PHE A 160 12.95 -20.69 -1.44
C PHE A 160 13.39 -21.57 -0.27
N ARG A 161 14.65 -21.44 0.18
CA ARG A 161 15.18 -22.21 1.32
C ARG A 161 14.53 -21.72 2.62
N SER A 162 14.36 -20.40 2.79
CA SER A 162 13.70 -19.77 3.94
C SER A 162 12.19 -20.05 3.90
N LEU A 163 11.64 -20.20 2.69
CA LEU A 163 10.23 -20.50 2.43
C LEU A 163 9.91 -21.97 2.78
N ALA A 164 10.84 -22.90 2.47
CA ALA A 164 10.71 -24.32 2.78
C ALA A 164 10.69 -24.57 4.30
N TYR A 165 11.43 -23.74 5.05
CA TYR A 165 11.53 -23.78 6.51
C TYR A 165 10.26 -23.25 7.19
N ILE A 166 9.75 -22.07 6.77
CA ILE A 166 8.55 -21.45 7.35
C ILE A 166 7.28 -22.24 7.03
N HIS A 167 7.19 -22.80 5.80
CA HIS A 167 6.03 -23.57 5.35
C HIS A 167 5.91 -24.95 6.02
N SER A 168 7.02 -25.47 6.60
CA SER A 168 7.04 -26.76 7.30
C SER A 168 6.33 -26.67 8.66
N PHE A 169 6.23 -25.46 9.23
CA PHE A 169 5.54 -25.19 10.50
C PHE A 169 4.09 -24.76 10.26
N GLY A 170 3.71 -24.59 8.98
CA GLY A 170 2.39 -24.17 8.56
C GLY A 170 2.27 -22.66 8.42
N ILE A 171 3.37 -21.93 8.74
CA ILE A 171 3.45 -20.47 8.69
C ILE A 171 3.68 -19.99 7.25
N CYS A 172 2.83 -19.05 6.80
CA CYS A 172 2.89 -18.43 5.49
C CYS A 172 3.21 -16.94 5.71
N HIS A 173 4.30 -16.45 5.08
CA HIS A 173 4.78 -15.07 5.20
C HIS A 173 3.75 -14.01 4.79
N ARG A 174 3.02 -14.27 3.69
CA ARG A 174 1.94 -13.44 3.12
C ARG A 174 2.39 -12.00 2.71
N ASP A 175 3.71 -11.75 2.58
CA ASP A 175 4.24 -10.43 2.19
C ASP A 175 5.64 -10.52 1.54
N ILE A 176 5.80 -11.46 0.59
CA ILE A 176 7.06 -11.65 -0.13
C ILE A 176 7.23 -10.56 -1.21
N LYS A 177 8.26 -9.72 -1.04
CA LYS A 177 8.62 -8.63 -1.96
C LYS A 177 10.12 -8.30 -1.81
N PRO A 178 10.80 -7.72 -2.84
CA PRO A 178 12.24 -7.42 -2.72
C PRO A 178 12.63 -6.46 -1.60
N GLN A 179 11.67 -5.66 -1.09
CA GLN A 179 11.87 -4.71 0.01
C GLN A 179 12.03 -5.47 1.33
N ASN A 180 11.40 -6.66 1.44
CA ASN A 180 11.44 -7.52 2.62
C ASN A 180 12.55 -8.61 2.54
N LEU A 181 13.34 -8.61 1.45
CA LEU A 181 14.44 -9.56 1.27
C LEU A 181 15.76 -8.82 1.48
N LEU A 182 16.28 -8.90 2.72
CA LEU A 182 17.53 -8.25 3.13
C LEU A 182 18.76 -8.85 2.47
N LEU A 183 19.79 -8.01 2.23
CA LEU A 183 21.00 -8.41 1.52
C LEU A 183 22.29 -7.82 2.08
N ASP A 184 23.33 -8.67 2.19
CA ASP A 184 24.68 -8.27 2.57
C ASP A 184 25.47 -8.26 1.25
N PRO A 185 25.98 -7.09 0.80
CA PRO A 185 26.67 -7.04 -0.50
C PRO A 185 27.95 -7.87 -0.62
N ASP A 186 28.73 -8.00 0.48
CA ASP A 186 30.00 -8.73 0.50
C ASP A 186 29.86 -10.25 0.47
N THR A 187 29.02 -10.81 1.38
CA THR A 187 28.81 -12.26 1.54
C THR A 187 27.68 -12.85 0.67
N ALA A 188 26.77 -11.98 0.19
CA ALA A 188 25.59 -12.31 -0.64
C ALA A 188 24.56 -13.20 0.10
N VAL A 189 24.48 -13.04 1.44
CA VAL A 189 23.51 -13.78 2.26
C VAL A 189 22.17 -13.03 2.29
N LEU A 190 21.09 -13.74 1.94
CA LEU A 190 19.73 -13.20 1.93
C LEU A 190 19.04 -13.55 3.23
N LYS A 191 18.22 -12.62 3.75
CA LYS A 191 17.46 -12.79 4.99
C LYS A 191 16.04 -12.25 4.85
N LEU A 192 15.05 -13.04 5.26
CA LEU A 192 13.65 -12.65 5.22
C LEU A 192 13.29 -11.80 6.44
N CYS A 193 12.51 -10.72 6.24
CA CYS A 193 12.07 -9.83 7.32
C CYS A 193 10.59 -9.44 7.18
N ASP A 194 10.04 -8.81 8.23
CA ASP A 194 8.64 -8.38 8.37
C ASP A 194 7.68 -9.58 8.35
N PHE A 195 7.46 -10.17 9.54
CA PHE A 195 6.57 -11.32 9.73
C PHE A 195 5.23 -10.88 10.36
N GLY A 196 4.86 -9.62 10.16
CA GLY A 196 3.62 -9.02 10.66
C GLY A 196 2.40 -9.56 9.96
N SER A 197 2.50 -9.76 8.63
CA SER A 197 1.44 -10.32 7.80
C SER A 197 1.32 -11.84 8.01
N ALA A 198 2.44 -12.51 8.37
CA ALA A 198 2.56 -13.96 8.59
C ALA A 198 1.52 -14.54 9.54
N LYS A 199 1.03 -15.75 9.20
CA LYS A 199 -0.01 -16.49 9.92
C LYS A 199 0.11 -17.99 9.65
N GLN A 200 -0.18 -18.82 10.66
CA GLN A 200 -0.18 -20.28 10.55
C GLN A 200 -1.51 -20.70 9.91
N LEU A 201 -1.48 -21.00 8.59
CA LEU A 201 -2.67 -21.38 7.83
C LEU A 201 -3.19 -22.76 8.21
N VAL A 202 -4.49 -22.84 8.54
CA VAL A 202 -5.19 -24.07 8.94
C VAL A 202 -6.33 -24.33 7.96
N ARG A 203 -6.48 -25.60 7.49
CA ARG A 203 -7.54 -26.04 6.58
C ARG A 203 -8.92 -25.81 7.21
N GLY A 204 -9.80 -25.12 6.49
CA GLY A 204 -11.16 -24.83 6.94
C GLY A 204 -11.35 -23.44 7.51
N GLU A 205 -10.31 -22.91 8.20
CA GLU A 205 -10.34 -21.57 8.81
C GLU A 205 -10.07 -20.47 7.77
N PRO A 206 -11.07 -19.59 7.48
CA PRO A 206 -10.85 -18.54 6.46
C PRO A 206 -9.84 -17.47 6.84
N ASN A 207 -9.30 -16.79 5.81
CA ASN A 207 -8.30 -15.73 5.93
C ASN A 207 -8.74 -14.50 5.11
N VAL A 208 -8.08 -13.34 5.29
CA VAL A 208 -8.40 -12.12 4.54
C VAL A 208 -7.88 -12.20 3.10
N SER A 209 -8.65 -11.65 2.15
CA SER A 209 -8.32 -11.66 0.72
C SER A 209 -7.28 -10.60 0.32
N TYR A 210 -7.47 -9.32 0.74
CA TYR A 210 -6.54 -8.24 0.41
C TYR A 210 -5.26 -8.31 1.25
N ILE A 211 -4.32 -9.16 0.82
CA ILE A 211 -2.99 -9.36 1.44
C ILE A 211 -1.89 -9.35 0.37
N CYS A 212 -0.62 -9.15 0.78
CA CYS A 212 0.61 -9.04 -0.05
C CYS A 212 0.61 -7.69 -0.81
N SER A 213 1.80 -7.27 -1.30
CA SER A 213 1.90 -6.05 -2.11
C SER A 213 1.41 -6.37 -3.52
N ARG A 214 0.53 -5.51 -4.08
CA ARG A 214 -0.16 -5.60 -5.37
C ARG A 214 0.59 -6.36 -6.47
N TYR A 215 1.83 -5.94 -6.80
CA TYR A 215 2.66 -6.52 -7.87
C TYR A 215 3.04 -7.99 -7.65
N TYR A 216 2.95 -8.48 -6.40
CA TYR A 216 3.31 -9.84 -5.98
C TYR A 216 2.09 -10.62 -5.45
N ARG A 217 0.89 -10.03 -5.56
CA ARG A 217 -0.39 -10.62 -5.14
C ARG A 217 -0.78 -11.77 -6.06
N ALA A 218 -1.06 -12.94 -5.46
CA ALA A 218 -1.46 -14.16 -6.17
C ALA A 218 -2.85 -14.02 -6.82
N PRO A 219 -3.16 -14.71 -7.95
CA PRO A 219 -4.48 -14.55 -8.58
C PRO A 219 -5.68 -14.99 -7.73
N GLU A 220 -5.48 -15.93 -6.77
CA GLU A 220 -6.52 -16.42 -5.85
C GLU A 220 -7.07 -15.25 -5.03
N LEU A 221 -6.14 -14.44 -4.47
CA LEU A 221 -6.39 -13.26 -3.64
C LEU A 221 -7.11 -12.16 -4.41
N ILE A 222 -6.86 -12.03 -5.73
CA ILE A 222 -7.54 -11.06 -6.59
C ILE A 222 -8.98 -11.56 -6.81
N PHE A 223 -9.13 -12.89 -6.99
CA PHE A 223 -10.42 -13.58 -7.18
C PHE A 223 -11.21 -13.73 -5.86
N GLY A 224 -10.71 -13.13 -4.79
CA GLY A 224 -11.35 -13.09 -3.48
C GLY A 224 -11.28 -14.35 -2.63
N ALA A 225 -10.24 -15.18 -2.82
CA ALA A 225 -10.08 -16.43 -2.06
C ALA A 225 -9.76 -16.19 -0.59
N THR A 226 -10.61 -16.76 0.29
CA THR A 226 -10.46 -16.70 1.75
C THR A 226 -9.80 -18.00 2.24
N ASP A 227 -9.92 -19.07 1.43
CA ASP A 227 -9.33 -20.38 1.69
C ASP A 227 -8.20 -20.65 0.70
N TYR A 228 -6.95 -20.43 1.15
CA TYR A 228 -5.74 -20.61 0.36
C TYR A 228 -4.63 -21.31 1.15
N THR A 229 -3.70 -21.95 0.43
CA THR A 229 -2.54 -22.66 0.99
C THR A 229 -1.32 -21.72 1.01
N SER A 230 -0.18 -22.20 1.54
CA SER A 230 1.05 -21.40 1.59
C SER A 230 1.73 -21.26 0.20
N SER A 231 1.00 -21.66 -0.87
CA SER A 231 1.43 -21.58 -2.27
C SER A 231 1.39 -20.15 -2.82
N ILE A 232 0.83 -19.19 -2.04
CA ILE A 232 0.75 -17.77 -2.40
C ILE A 232 2.13 -17.11 -2.33
N ASP A 233 3.01 -17.63 -1.45
CA ASP A 233 4.40 -17.17 -1.27
C ASP A 233 5.25 -17.61 -2.46
N VAL A 234 4.91 -18.78 -3.05
CA VAL A 234 5.56 -19.37 -4.23
C VAL A 234 5.31 -18.47 -5.45
N TRP A 235 4.07 -17.95 -5.60
CA TRP A 235 3.69 -17.03 -6.68
C TRP A 235 4.48 -15.72 -6.53
N SER A 236 4.49 -15.15 -5.30
CA SER A 236 5.19 -13.91 -4.94
C SER A 236 6.67 -14.01 -5.25
N ALA A 237 7.28 -15.20 -4.98
CA ALA A 237 8.69 -15.48 -5.27
C ALA A 237 8.92 -15.52 -6.78
N GLY A 238 7.96 -16.09 -7.53
CA GLY A 238 7.98 -16.14 -8.98
C GLY A 238 7.92 -14.76 -9.61
N CYS A 239 7.19 -13.82 -8.95
CA CYS A 239 7.05 -12.41 -9.34
C CYS A 239 8.38 -11.67 -9.13
N VAL A 240 9.14 -12.05 -8.08
CA VAL A 240 10.45 -11.49 -7.74
C VAL A 240 11.48 -11.98 -8.78
N LEU A 241 11.49 -13.31 -9.08
CA LEU A 241 12.36 -13.96 -10.07
C LEU A 241 12.26 -13.30 -11.45
N ALA A 242 11.03 -13.11 -11.97
CA ALA A 242 10.77 -12.49 -13.26
C ALA A 242 11.20 -11.02 -13.26
N GLU A 243 11.07 -10.34 -12.09
CA GLU A 243 11.47 -8.94 -11.88
C GLU A 243 12.99 -8.80 -11.93
N LEU A 244 13.72 -9.80 -11.40
CA LEU A 244 15.19 -9.81 -11.43
C LEU A 244 15.71 -10.14 -12.84
N LEU A 245 14.86 -10.79 -13.68
CA LEU A 245 15.17 -11.15 -15.05
C LEU A 245 14.80 -10.05 -16.05
N LEU A 246 13.73 -9.29 -15.76
CA LEU A 246 13.26 -8.19 -16.62
C LEU A 246 13.86 -6.84 -16.26
N GLY A 247 14.10 -6.62 -14.97
CA GLY A 247 14.64 -5.37 -14.44
C GLY A 247 13.56 -4.40 -14.02
N GLN A 248 12.30 -4.87 -14.02
CA GLN A 248 11.08 -4.14 -13.67
C GLN A 248 9.96 -5.13 -13.30
N PRO A 249 8.94 -4.75 -12.47
CA PRO A 249 7.88 -5.72 -12.13
C PRO A 249 7.16 -6.27 -13.36
N ILE A 250 6.88 -7.60 -13.36
CA ILE A 250 6.21 -8.30 -14.46
C ILE A 250 4.72 -7.90 -14.56
N PHE A 251 4.05 -7.73 -13.41
CA PHE A 251 2.64 -7.34 -13.37
C PHE A 251 2.44 -5.99 -12.63
N PRO A 252 2.73 -4.83 -13.28
CA PRO A 252 2.54 -3.55 -12.60
C PRO A 252 1.09 -3.04 -12.72
N GLY A 253 0.25 -3.47 -11.78
CA GLY A 253 -1.17 -3.12 -11.75
C GLY A 253 -1.44 -1.75 -11.17
N ASP A 254 -2.30 -0.97 -11.87
CA ASP A 254 -2.72 0.38 -11.46
C ASP A 254 -3.81 0.30 -10.40
N SER A 255 -4.63 -0.75 -10.45
CA SER A 255 -5.75 -1.02 -9.56
C SER A 255 -5.68 -2.49 -9.09
N GLY A 256 -6.62 -2.90 -8.24
CA GLY A 256 -6.75 -4.27 -7.77
C GLY A 256 -7.23 -5.19 -8.88
N VAL A 257 -8.03 -4.62 -9.82
CA VAL A 257 -8.57 -5.33 -10.99
C VAL A 257 -7.60 -5.25 -12.19
N ASP A 258 -6.83 -4.14 -12.31
CA ASP A 258 -5.84 -3.92 -13.37
C ASP A 258 -4.64 -4.87 -13.21
N GLN A 259 -4.46 -5.41 -11.98
CA GLN A 259 -3.42 -6.38 -11.63
C GLN A 259 -3.71 -7.71 -12.35
N LEU A 260 -4.99 -8.14 -12.39
CA LEU A 260 -5.44 -9.35 -13.07
C LEU A 260 -5.27 -9.19 -14.59
N VAL A 261 -5.45 -7.96 -15.13
CA VAL A 261 -5.29 -7.61 -16.55
C VAL A 261 -3.81 -7.81 -16.94
N GLU A 262 -2.88 -7.43 -16.04
CA GLU A 262 -1.42 -7.60 -16.22
C GLU A 262 -1.00 -9.08 -16.27
N ILE A 263 -1.66 -9.93 -15.45
CA ILE A 263 -1.43 -11.38 -15.38
C ILE A 263 -1.97 -12.05 -16.65
N ILE A 264 -3.21 -11.70 -17.05
CA ILE A 264 -3.91 -12.20 -18.26
C ILE A 264 -3.11 -11.85 -19.54
N LYS A 265 -2.38 -10.71 -19.53
CA LYS A 265 -1.55 -10.25 -20.65
C LYS A 265 -0.42 -11.22 -21.04
N VAL A 266 0.04 -12.07 -20.10
CA VAL A 266 1.10 -13.06 -20.37
C VAL A 266 0.60 -14.52 -20.19
N LEU A 267 -0.19 -14.78 -19.12
CA LEU A 267 -0.71 -16.11 -18.82
C LEU A 267 -1.99 -16.50 -19.56
N GLY A 268 -2.68 -15.51 -20.11
CA GLY A 268 -3.94 -15.70 -20.82
C GLY A 268 -5.13 -15.77 -19.89
N THR A 269 -6.30 -16.09 -20.44
CA THR A 269 -7.52 -16.20 -19.65
C THR A 269 -7.54 -17.57 -18.95
N PRO A 270 -7.73 -17.62 -17.60
CA PRO A 270 -7.77 -18.92 -16.91
C PRO A 270 -9.00 -19.75 -17.29
N THR A 271 -8.83 -21.07 -17.41
CA THR A 271 -9.92 -22.01 -17.77
C THR A 271 -10.93 -22.12 -16.63
N ARG A 272 -12.11 -22.74 -16.90
CA ARG A 272 -13.20 -22.96 -15.94
C ARG A 272 -12.70 -23.69 -14.70
N GLU A 273 -11.85 -24.70 -14.91
CA GLU A 273 -11.23 -25.55 -13.88
C GLU A 273 -10.07 -24.86 -13.15
N GLN A 274 -9.33 -23.96 -13.84
CA GLN A 274 -8.23 -23.20 -13.22
C GLN A 274 -8.80 -22.18 -12.22
N ILE A 275 -9.95 -21.56 -12.56
CA ILE A 275 -10.67 -20.58 -11.73
C ILE A 275 -11.15 -21.27 -10.44
N ARG A 276 -11.83 -22.43 -10.56
CA ARG A 276 -12.35 -23.24 -9.45
C ARG A 276 -11.24 -23.76 -8.52
N GLU A 277 -10.03 -24.03 -9.09
CA GLU A 277 -8.86 -24.51 -8.35
C GLU A 277 -8.28 -23.46 -7.39
N MET A 278 -8.62 -22.18 -7.62
CA MET A 278 -8.19 -21.05 -6.80
C MET A 278 -9.15 -20.86 -5.62
N ASN A 279 -10.33 -21.54 -5.66
CA ASN A 279 -11.45 -21.47 -4.70
C ASN A 279 -11.91 -20.00 -4.58
N PRO A 280 -12.60 -19.46 -5.62
CA PRO A 280 -12.93 -18.03 -5.60
C PRO A 280 -14.30 -17.66 -5.04
N ASN A 281 -14.29 -16.72 -4.08
CA ASN A 281 -15.50 -16.16 -3.50
C ASN A 281 -15.85 -14.95 -4.36
N TYR A 282 -17.13 -14.80 -4.76
CA TYR A 282 -17.68 -13.70 -5.57
C TYR A 282 -16.81 -13.33 -6.81
N THR A 283 -16.93 -14.10 -7.90
CA THR A 283 -16.18 -13.97 -9.16
C THR A 283 -16.93 -13.03 -10.17
N GLU A 284 -16.83 -13.32 -11.50
CA GLU A 284 -17.41 -12.62 -12.65
C GLU A 284 -16.77 -11.22 -12.89
N PHE A 285 -15.46 -11.23 -13.21
CA PHE A 285 -14.64 -10.04 -13.52
C PHE A 285 -14.99 -9.42 -14.89
N LYS A 286 -15.63 -10.22 -15.78
CA LYS A 286 -16.06 -9.87 -17.15
C LYS A 286 -14.92 -9.29 -18.00
N PHE A 287 -14.01 -10.18 -18.46
CA PHE A 287 -12.86 -9.83 -19.30
C PHE A 287 -12.82 -10.70 -20.58
N PRO A 288 -12.32 -10.16 -21.72
CA PRO A 288 -12.29 -10.97 -22.96
C PRO A 288 -11.17 -12.01 -23.00
N GLN A 289 -11.37 -13.08 -23.79
CA GLN A 289 -10.40 -14.16 -23.98
C GLN A 289 -9.27 -13.64 -24.87
N ILE A 290 -8.05 -13.54 -24.31
CA ILE A 290 -6.88 -13.02 -25.02
C ILE A 290 -5.82 -14.09 -25.34
N LYS A 291 -5.84 -15.23 -24.61
CA LYS A 291 -4.96 -16.43 -24.68
C LYS A 291 -3.50 -16.12 -24.26
N ALA A 292 -2.80 -17.17 -23.76
CA ALA A 292 -1.44 -17.14 -23.23
C ALA A 292 -0.37 -16.70 -24.22
N HIS A 293 0.54 -15.83 -23.75
CA HIS A 293 1.68 -15.31 -24.50
C HIS A 293 2.93 -16.15 -24.20
N PRO A 294 3.74 -16.54 -25.22
CA PRO A 294 4.91 -17.40 -24.95
C PRO A 294 5.93 -16.82 -23.98
N TRP A 295 6.33 -17.63 -22.98
CA TRP A 295 7.27 -17.28 -21.91
C TRP A 295 8.64 -16.79 -22.40
N THR A 296 9.13 -17.35 -23.51
CA THR A 296 10.42 -16.98 -24.11
C THR A 296 10.38 -15.55 -24.67
N LYS A 297 9.22 -15.15 -25.25
CA LYS A 297 9.00 -13.83 -25.83
C LYS A 297 8.79 -12.75 -24.74
N VAL A 298 8.39 -13.17 -23.52
CA VAL A 298 8.17 -12.30 -22.36
C VAL A 298 9.52 -11.68 -21.90
N PHE A 299 10.56 -12.53 -21.80
CA PHE A 299 11.90 -12.10 -21.38
C PHE A 299 12.81 -11.70 -22.53
N ARG A 300 13.92 -11.01 -22.17
CA ARG A 300 15.00 -10.52 -23.02
C ARG A 300 15.64 -11.66 -23.86
N PRO A 301 16.26 -11.40 -25.04
CA PRO A 301 16.90 -12.50 -25.77
C PRO A 301 18.17 -12.98 -25.05
N ARG A 302 18.47 -14.29 -25.17
CA ARG A 302 19.60 -14.98 -24.55
C ARG A 302 19.43 -15.11 -23.00
N THR A 303 18.17 -15.12 -22.53
CA THR A 303 17.84 -15.34 -21.12
C THR A 303 17.95 -16.87 -20.89
N PRO A 304 18.65 -17.35 -19.82
CA PRO A 304 18.78 -18.81 -19.62
C PRO A 304 17.44 -19.56 -19.66
N PRO A 305 17.34 -20.63 -20.49
CA PRO A 305 16.06 -21.37 -20.60
C PRO A 305 15.57 -22.01 -19.30
N GLU A 306 16.50 -22.28 -18.36
CA GLU A 306 16.19 -22.90 -17.07
C GLU A 306 15.43 -21.92 -16.17
N ALA A 307 15.78 -20.61 -16.25
CA ALA A 307 15.13 -19.54 -15.49
C ALA A 307 13.66 -19.42 -15.91
N ILE A 308 13.41 -19.46 -17.24
CA ILE A 308 12.09 -19.41 -17.86
C ILE A 308 11.27 -20.65 -17.45
N ALA A 309 11.87 -21.86 -17.55
CA ALA A 309 11.22 -23.13 -17.16
C ALA A 309 10.76 -23.10 -15.70
N LEU A 310 11.59 -22.53 -14.80
CA LEU A 310 11.32 -22.37 -13.38
C LEU A 310 10.18 -21.35 -13.16
N CYS A 311 10.25 -20.18 -13.83
CA CYS A 311 9.27 -19.09 -13.77
C CYS A 311 7.89 -19.55 -14.26
N SER A 312 7.87 -20.46 -15.25
CA SER A 312 6.66 -21.06 -15.83
C SER A 312 5.93 -21.96 -14.82
N ARG A 313 6.70 -22.70 -13.99
CA ARG A 313 6.20 -23.62 -12.97
C ARG A 313 5.88 -22.94 -11.63
N LEU A 314 6.26 -21.66 -11.46
CA LEU A 314 5.99 -20.88 -10.25
C LEU A 314 4.78 -19.99 -10.46
N LEU A 315 4.71 -19.31 -11.63
CA LEU A 315 3.62 -18.42 -12.00
C LEU A 315 2.52 -19.18 -12.75
N GLU A 316 1.87 -20.13 -12.05
CA GLU A 316 0.77 -20.97 -12.53
C GLU A 316 -0.54 -20.48 -11.92
N TYR A 317 -1.65 -20.57 -12.70
CA TYR A 317 -2.98 -20.17 -12.23
C TYR A 317 -3.46 -21.11 -11.12
N THR A 318 -3.32 -22.43 -11.35
CA THR A 318 -3.69 -23.47 -10.39
C THR A 318 -2.65 -23.49 -9.25
N PRO A 319 -3.07 -23.23 -7.98
CA PRO A 319 -2.10 -23.22 -6.86
C PRO A 319 -1.42 -24.56 -6.59
N THR A 320 -2.13 -25.67 -6.79
CA THR A 320 -1.62 -27.02 -6.59
C THR A 320 -0.61 -27.43 -7.69
N ALA A 321 -0.67 -26.76 -8.86
CA ALA A 321 0.22 -27.00 -10.00
C ALA A 321 1.58 -26.32 -9.82
N ARG A 322 1.68 -25.38 -8.85
CA ARG A 322 2.90 -24.65 -8.54
C ARG A 322 3.91 -25.53 -7.83
N LEU A 323 5.20 -25.30 -8.11
CA LEU A 323 6.33 -25.99 -7.52
C LEU A 323 6.46 -25.62 -6.04
N THR A 324 6.79 -26.60 -5.18
CA THR A 324 6.98 -26.36 -3.74
C THR A 324 8.35 -25.67 -3.53
N PRO A 325 8.60 -24.95 -2.41
CA PRO A 325 9.92 -24.30 -2.23
C PRO A 325 11.13 -25.23 -2.37
N LEU A 326 11.06 -26.49 -1.87
CA LEU A 326 12.13 -27.48 -1.99
C LEU A 326 12.31 -27.93 -3.44
N GLU A 327 11.17 -28.11 -4.17
CA GLU A 327 11.13 -28.51 -5.58
C GLU A 327 11.75 -27.42 -6.45
N ALA A 328 11.61 -26.14 -6.01
CA ALA A 328 12.19 -24.97 -6.66
C ALA A 328 13.70 -24.94 -6.41
N CYS A 329 14.15 -25.34 -5.21
CA CYS A 329 15.56 -25.40 -4.82
C CYS A 329 16.30 -26.50 -5.59
N ALA A 330 15.58 -27.60 -5.92
CA ALA A 330 16.11 -28.77 -6.66
C ALA A 330 16.05 -28.60 -8.19
N HIS A 331 15.53 -27.44 -8.68
CA HIS A 331 15.38 -27.12 -10.10
C HIS A 331 16.73 -26.94 -10.80
N SER A 332 16.77 -27.25 -12.12
CA SER A 332 17.95 -27.17 -13.00
C SER A 332 18.62 -25.79 -13.04
N PHE A 333 17.87 -24.72 -12.75
CA PHE A 333 18.37 -23.34 -12.75
C PHE A 333 19.42 -23.07 -11.68
N PHE A 334 19.31 -23.73 -10.51
CA PHE A 334 20.25 -23.55 -9.40
C PHE A 334 21.41 -24.56 -9.39
N ASP A 335 21.60 -25.31 -10.51
CA ASP A 335 22.67 -26.30 -10.67
C ASP A 335 24.08 -25.71 -10.63
N GLU A 336 24.24 -24.43 -11.03
CA GLU A 336 25.51 -23.70 -11.01
C GLU A 336 26.03 -23.54 -9.59
N LEU A 337 25.12 -23.33 -8.62
CA LEU A 337 25.47 -23.19 -7.19
C LEU A 337 25.93 -24.53 -6.61
N ARG A 338 25.43 -25.65 -7.17
CA ARG A 338 25.76 -27.01 -6.77
C ARG A 338 27.14 -27.49 -7.27
N ASP A 339 27.75 -26.74 -8.20
CA ASP A 339 29.08 -27.02 -8.76
C ASP A 339 30.15 -26.81 -7.67
N PRO A 340 31.13 -27.73 -7.50
CA PRO A 340 32.13 -27.55 -6.43
C PRO A 340 33.13 -26.42 -6.66
N ASN A 341 33.21 -25.91 -7.90
CA ASN A 341 34.13 -24.84 -8.33
C ASN A 341 33.49 -23.43 -8.36
N VAL A 342 32.22 -23.31 -7.94
CA VAL A 342 31.49 -22.04 -7.92
C VAL A 342 32.01 -21.07 -6.83
N LYS A 343 32.07 -19.78 -7.17
CA LYS A 343 32.49 -18.70 -6.29
C LYS A 343 31.79 -17.39 -6.66
N LEU A 344 31.72 -16.44 -5.71
CA LEU A 344 31.11 -15.13 -5.90
C LEU A 344 31.93 -14.27 -6.87
N PRO A 345 31.30 -13.32 -7.62
CA PRO A 345 32.07 -12.49 -8.56
C PRO A 345 33.20 -11.64 -7.95
N ASN A 346 33.23 -11.50 -6.61
CA ASN A 346 34.25 -10.75 -5.87
C ASN A 346 35.40 -11.66 -5.33
N GLY A 347 35.43 -12.91 -5.79
CA GLY A 347 36.45 -13.88 -5.40
C GLY A 347 36.07 -14.78 -4.23
N ARG A 348 35.27 -14.25 -3.28
CA ARG A 348 34.80 -14.95 -2.07
C ARG A 348 34.00 -16.22 -2.39
N ASP A 349 33.97 -17.17 -1.44
CA ASP A 349 33.23 -18.43 -1.59
C ASP A 349 31.74 -18.21 -1.33
N THR A 350 30.87 -18.99 -2.01
CA THR A 350 29.41 -18.94 -1.87
C THR A 350 29.00 -19.32 -0.44
N PRO A 351 27.93 -18.73 0.15
CA PRO A 351 27.55 -19.10 1.52
C PRO A 351 27.02 -20.53 1.68
N ALA A 352 26.71 -20.94 2.93
CA ALA A 352 26.19 -22.28 3.23
C ALA A 352 24.80 -22.45 2.62
N LEU A 353 24.72 -23.28 1.56
CA LEU A 353 23.50 -23.53 0.80
C LEU A 353 23.03 -25.00 0.87
N PHE A 354 23.87 -25.90 1.42
CA PHE A 354 23.57 -27.34 1.48
C PHE A 354 23.42 -27.92 2.90
N ASN A 355 23.53 -27.06 3.94
CA ASN A 355 23.41 -27.48 5.35
C ASN A 355 21.94 -27.60 5.80
N PHE A 356 21.14 -28.39 5.03
CA PHE A 356 19.72 -28.66 5.27
C PHE A 356 19.51 -29.52 6.51
N THR A 357 18.36 -29.35 7.18
CA THR A 357 17.98 -30.12 8.38
C THR A 357 16.76 -31.01 8.09
N THR A 358 16.36 -31.85 9.06
CA THR A 358 15.19 -32.74 8.93
C THR A 358 13.88 -31.94 8.88
N GLN A 359 13.85 -30.74 9.50
CA GLN A 359 12.70 -29.84 9.50
C GLN A 359 12.55 -29.18 8.11
N GLU A 360 13.68 -28.87 7.46
CA GLU A 360 13.72 -28.27 6.12
C GLU A 360 13.33 -29.27 5.03
N LEU A 361 13.83 -30.52 5.15
CA LEU A 361 13.59 -31.61 4.20
C LEU A 361 12.28 -32.38 4.48
N SER A 362 11.59 -32.05 5.60
CA SER A 362 10.35 -32.67 6.10
C SER A 362 9.29 -33.00 5.04
N SER A 363 8.97 -32.05 4.14
CA SER A 363 7.95 -32.24 3.10
C SER A 363 8.30 -33.34 2.09
N ASN A 364 9.53 -33.31 1.53
CA ASN A 364 9.99 -34.30 0.56
C ASN A 364 11.44 -34.75 0.86
N PRO A 365 11.64 -35.69 1.83
CA PRO A 365 13.00 -36.15 2.17
C PRO A 365 13.86 -36.71 1.02
N PRO A 366 13.38 -37.54 0.02
CA PRO A 366 14.30 -38.02 -1.04
C PRO A 366 14.89 -36.94 -1.97
N LEU A 367 14.49 -35.65 -1.82
CA LEU A 367 15.03 -34.53 -2.61
C LEU A 367 16.48 -34.20 -2.25
N ALA A 368 16.93 -34.64 -1.05
CA ALA A 368 18.29 -34.47 -0.51
C ALA A 368 19.38 -35.02 -1.44
N THR A 369 19.03 -36.00 -2.30
CA THR A 369 19.92 -36.61 -3.29
C THR A 369 20.33 -35.60 -4.38
N ILE A 370 19.44 -34.65 -4.72
CA ILE A 370 19.67 -33.59 -5.71
C ILE A 370 20.22 -32.33 -5.00
N LEU A 371 19.54 -31.90 -3.92
CA LEU A 371 19.87 -30.71 -3.11
C LEU A 371 21.29 -30.71 -2.55
N ILE A 372 21.68 -31.81 -1.89
CA ILE A 372 23.03 -31.94 -1.31
C ILE A 372 23.93 -32.72 -2.29
N PRO A 373 24.92 -32.04 -2.93
CA PRO A 373 25.79 -32.74 -3.89
C PRO A 373 26.86 -33.61 -3.23
N PRO A 374 27.55 -34.52 -3.98
CA PRO A 374 28.57 -35.38 -3.33
C PRO A 374 29.78 -34.65 -2.72
N HIS A 375 30.14 -33.46 -3.24
CA HIS A 375 31.27 -32.67 -2.72
C HIS A 375 31.01 -32.18 -1.29
N ALA A 376 29.73 -31.84 -0.98
CA ALA A 376 29.28 -31.34 0.32
C ALA A 376 28.75 -32.47 1.22
N ARG A 377 28.93 -33.74 0.79
CA ARG A 377 28.47 -34.93 1.50
C ARG A 377 29.58 -35.54 2.34
N SER B 29 -30.35 -12.54 -19.61
CA SER B 29 -29.86 -11.71 -18.50
C SER B 29 -30.42 -12.18 -17.16
N LYS B 30 -29.59 -12.09 -16.09
CA LYS B 30 -29.95 -12.49 -14.73
C LYS B 30 -30.33 -11.28 -13.87
N VAL B 31 -31.50 -11.36 -13.22
CA VAL B 31 -32.03 -10.29 -12.35
C VAL B 31 -31.86 -10.67 -10.87
N THR B 32 -31.34 -9.72 -10.07
CA THR B 32 -31.11 -9.90 -8.64
C THR B 32 -32.06 -8.97 -7.86
N THR B 33 -33.04 -9.56 -7.17
CA THR B 33 -34.02 -8.82 -6.36
C THR B 33 -33.67 -8.98 -4.88
N VAL B 34 -33.46 -7.83 -4.20
CA VAL B 34 -33.09 -7.79 -2.79
C VAL B 34 -33.80 -6.62 -2.06
N VAL B 35 -33.98 -6.75 -0.73
CA VAL B 35 -34.62 -5.74 0.11
C VAL B 35 -33.52 -4.91 0.79
N ALA B 36 -33.32 -3.66 0.32
CA ALA B 36 -32.29 -2.76 0.81
C ALA B 36 -32.82 -1.52 1.51
N THR B 37 -32.13 -1.09 2.58
CA THR B 37 -32.46 0.09 3.37
C THR B 37 -31.84 1.33 2.71
N PRO B 38 -32.62 2.40 2.42
CA PRO B 38 -32.01 3.60 1.80
C PRO B 38 -31.08 4.34 2.77
N GLY B 39 -29.99 4.90 2.23
CA GLY B 39 -28.98 5.63 2.98
C GLY B 39 -29.51 6.82 3.76
N GLN B 40 -30.32 7.64 3.09
CA GLN B 40 -30.95 8.83 3.69
C GLN B 40 -32.42 8.56 4.01
N GLY B 41 -32.96 9.31 4.97
CA GLY B 41 -34.35 9.19 5.40
C GLY B 41 -34.57 8.13 6.45
N PRO B 42 -35.85 7.73 6.70
CA PRO B 42 -36.11 6.72 7.74
C PRO B 42 -35.62 5.31 7.39
N ASP B 43 -35.38 4.48 8.43
CA ASP B 43 -34.92 3.09 8.29
C ASP B 43 -36.12 2.21 7.89
N ARG B 44 -36.45 2.27 6.60
CA ARG B 44 -37.60 1.64 5.96
C ARG B 44 -37.13 0.93 4.65
N PRO B 45 -36.77 -0.38 4.66
CA PRO B 45 -36.28 -1.03 3.43
C PRO B 45 -37.33 -1.24 2.34
N GLN B 46 -36.89 -1.33 1.07
CA GLN B 46 -37.75 -1.52 -0.10
C GLN B 46 -37.16 -2.54 -1.09
N GLU B 47 -38.02 -3.12 -1.95
CA GLU B 47 -37.62 -4.09 -2.96
C GLU B 47 -36.86 -3.41 -4.11
N VAL B 48 -35.54 -3.68 -4.19
CA VAL B 48 -34.65 -3.13 -5.21
C VAL B 48 -34.12 -4.26 -6.10
N SER B 49 -34.35 -4.15 -7.42
CA SER B 49 -33.90 -5.13 -8.42
C SER B 49 -32.79 -4.56 -9.28
N TYR B 50 -31.76 -5.38 -9.57
CA TYR B 50 -30.61 -4.99 -10.40
C TYR B 50 -30.11 -6.12 -11.29
N THR B 51 -29.55 -5.75 -12.46
CA THR B 51 -29.02 -6.69 -13.46
C THR B 51 -27.65 -6.21 -14.03
N ASP B 52 -26.99 -7.06 -14.84
CA ASP B 52 -25.70 -6.84 -15.51
C ASP B 52 -24.57 -6.47 -14.53
N THR B 53 -24.29 -7.38 -13.57
CA THR B 53 -23.25 -7.18 -12.55
C THR B 53 -21.88 -7.57 -13.07
N LYS B 54 -20.88 -6.68 -12.87
CA LYS B 54 -19.49 -6.90 -13.25
C LYS B 54 -18.51 -6.24 -12.28
N VAL B 55 -17.38 -6.93 -12.01
CA VAL B 55 -16.33 -6.45 -11.10
C VAL B 55 -15.59 -5.28 -11.75
N ILE B 56 -15.60 -4.12 -11.07
CA ILE B 56 -14.97 -2.88 -11.54
C ILE B 56 -13.87 -2.37 -10.57
N GLY B 57 -13.92 -2.81 -9.32
CA GLY B 57 -12.97 -2.45 -8.28
C GLY B 57 -12.61 -3.58 -7.33
N ASN B 58 -11.38 -3.53 -6.78
CA ASN B 58 -10.85 -4.51 -5.84
C ASN B 58 -9.86 -3.81 -4.90
N GLY B 59 -10.15 -3.83 -3.60
CA GLY B 59 -9.34 -3.15 -2.59
C GLY B 59 -9.34 -3.71 -1.20
N SER B 60 -8.83 -2.89 -0.25
CA SER B 60 -8.63 -3.21 1.17
C SER B 60 -9.88 -3.62 1.94
N PHE B 61 -11.02 -2.94 1.69
CA PHE B 61 -12.25 -3.22 2.42
C PHE B 61 -13.10 -4.29 1.74
N GLY B 62 -13.15 -4.28 0.41
CA GLY B 62 -13.89 -5.26 -0.37
C GLY B 62 -13.89 -5.06 -1.86
N VAL B 63 -14.82 -5.74 -2.54
CA VAL B 63 -15.02 -5.70 -4.00
C VAL B 63 -16.11 -4.70 -4.41
N VAL B 64 -15.91 -4.04 -5.55
CA VAL B 64 -16.85 -3.05 -6.11
C VAL B 64 -17.44 -3.60 -7.41
N TYR B 65 -18.79 -3.53 -7.53
CA TYR B 65 -19.54 -3.99 -8.69
C TYR B 65 -20.20 -2.83 -9.43
N GLN B 66 -20.58 -3.04 -10.70
CA GLN B 66 -21.33 -2.10 -11.53
C GLN B 66 -22.60 -2.82 -11.96
N ALA B 67 -23.77 -2.26 -11.60
CA ALA B 67 -25.06 -2.87 -11.93
C ALA B 67 -26.07 -1.88 -12.48
N LYS B 68 -26.93 -2.35 -13.40
CA LYS B 68 -27.99 -1.58 -14.03
C LYS B 68 -29.31 -1.86 -13.28
N LEU B 69 -29.97 -0.81 -12.79
CA LEU B 69 -31.24 -0.92 -12.07
C LEU B 69 -32.38 -1.28 -13.04
N CYS B 70 -33.43 -1.96 -12.53
CA CYS B 70 -34.56 -2.37 -13.33
C CYS B 70 -35.61 -1.26 -13.53
N ASP B 71 -35.63 -0.27 -12.62
CA ASP B 71 -36.57 0.86 -12.66
C ASP B 71 -36.23 1.90 -13.74
N SER B 72 -35.13 2.66 -13.53
CA SER B 72 -34.69 3.75 -14.42
C SER B 72 -33.59 3.37 -15.43
N GLY B 73 -32.99 2.19 -15.26
CA GLY B 73 -31.90 1.72 -16.11
C GLY B 73 -30.58 2.41 -15.80
N GLU B 74 -30.52 3.08 -14.64
CA GLU B 74 -29.36 3.82 -14.14
C GLU B 74 -28.28 2.89 -13.66
N LEU B 75 -27.01 3.24 -13.93
CA LEU B 75 -25.84 2.46 -13.51
C LEU B 75 -25.43 2.85 -12.10
N VAL B 76 -25.25 1.84 -11.22
CA VAL B 76 -24.87 2.03 -9.82
C VAL B 76 -23.70 1.13 -9.42
N ALA B 77 -22.97 1.53 -8.36
CA ALA B 77 -21.85 0.75 -7.83
C ALA B 77 -22.29 -0.01 -6.57
N ILE B 78 -21.86 -1.28 -6.42
CA ILE B 78 -22.18 -2.08 -5.24
C ILE B 78 -20.88 -2.52 -4.55
N LYS B 79 -20.60 -1.94 -3.37
CA LYS B 79 -19.40 -2.24 -2.58
C LYS B 79 -19.71 -3.33 -1.57
N LYS B 80 -19.23 -4.56 -1.86
CA LYS B 80 -19.42 -5.75 -1.02
C LYS B 80 -18.25 -5.89 -0.03
N VAL B 81 -18.55 -5.82 1.28
CA VAL B 81 -17.58 -5.93 2.38
C VAL B 81 -18.00 -7.02 3.37
N LEU B 82 -17.04 -7.84 3.85
CA LEU B 82 -17.30 -8.91 4.83
C LEU B 82 -17.62 -8.25 6.18
N GLN B 83 -18.82 -8.52 6.73
CA GLN B 83 -19.27 -7.94 8.00
C GLN B 83 -19.81 -8.96 9.01
N ASP B 84 -19.28 -8.93 10.25
CA ASP B 84 -19.68 -9.85 11.31
C ASP B 84 -20.76 -9.25 12.25
N LYS B 85 -20.87 -9.80 13.49
CA LYS B 85 -21.86 -9.39 14.49
C LYS B 85 -21.25 -8.63 15.68
N ARG B 86 -19.95 -8.87 15.97
CA ARG B 86 -19.21 -8.26 17.09
C ARG B 86 -19.00 -6.73 16.98
N PHE B 87 -19.25 -6.14 15.78
CA PHE B 87 -19.09 -4.70 15.54
C PHE B 87 -19.94 -4.20 14.36
N LYS B 88 -20.37 -2.92 14.42
CA LYS B 88 -21.12 -2.27 13.34
C LYS B 88 -20.12 -1.66 12.35
N ASN B 89 -20.52 -1.53 11.06
CA ASN B 89 -19.64 -0.99 10.02
C ASN B 89 -19.43 0.52 10.20
N ARG B 90 -18.14 0.92 10.34
CA ARG B 90 -17.76 2.33 10.53
C ARG B 90 -18.05 3.19 9.29
N GLU B 91 -17.79 2.64 8.07
CA GLU B 91 -18.02 3.34 6.80
C GLU B 91 -19.49 3.68 6.58
N LEU B 92 -20.39 2.70 6.82
CA LEU B 92 -21.85 2.84 6.69
C LEU B 92 -22.41 3.96 7.56
N GLN B 93 -21.96 4.04 8.83
CA GLN B 93 -22.41 5.06 9.79
C GLN B 93 -22.00 6.48 9.39
N ILE B 94 -20.91 6.61 8.58
CA ILE B 94 -20.45 7.89 8.06
C ILE B 94 -21.29 8.27 6.83
N MET B 95 -21.50 7.31 5.90
CA MET B 95 -22.26 7.47 4.65
C MET B 95 -23.70 7.96 4.84
N ARG B 96 -24.42 7.37 5.81
CA ARG B 96 -25.83 7.70 6.15
C ARG B 96 -26.01 9.13 6.70
N LYS B 97 -24.90 9.78 7.09
CA LYS B 97 -24.85 11.14 7.64
C LYS B 97 -24.45 12.16 6.57
N LEU B 98 -23.77 11.68 5.51
CA LEU B 98 -23.23 12.47 4.39
C LEU B 98 -24.21 12.69 3.22
N ASP B 99 -24.47 13.98 2.90
CA ASP B 99 -25.31 14.42 1.79
C ASP B 99 -24.69 15.69 1.16
N HIS B 100 -23.91 15.48 0.09
CA HIS B 100 -23.19 16.51 -0.65
C HIS B 100 -22.97 16.05 -2.09
N CYS B 101 -23.09 16.98 -3.06
CA CYS B 101 -22.95 16.72 -4.49
C CYS B 101 -21.53 16.30 -4.91
N ASN B 102 -20.49 16.60 -4.09
CA ASN B 102 -19.10 16.25 -4.38
C ASN B 102 -18.60 15.02 -3.59
N ILE B 103 -19.55 14.16 -3.17
CA ILE B 103 -19.33 12.89 -2.45
C ILE B 103 -20.35 11.88 -3.01
N VAL B 104 -19.91 10.63 -3.34
CA VAL B 104 -20.82 9.60 -3.84
C VAL B 104 -21.90 9.29 -2.81
N ARG B 105 -23.17 9.48 -3.21
CA ARG B 105 -24.34 9.27 -2.36
C ARG B 105 -24.62 7.80 -2.13
N LEU B 106 -24.98 7.44 -0.88
CA LEU B 106 -25.36 6.08 -0.52
C LEU B 106 -26.84 5.93 -0.84
N ARG B 107 -27.13 5.32 -1.99
CA ARG B 107 -28.48 5.08 -2.51
C ARG B 107 -29.23 4.13 -1.57
N TYR B 108 -28.67 2.92 -1.36
CA TYR B 108 -29.23 1.87 -0.51
C TYR B 108 -28.11 1.06 0.17
N PHE B 109 -28.50 0.14 1.07
CA PHE B 109 -27.61 -0.80 1.77
C PHE B 109 -28.36 -2.08 2.17
N PHE B 110 -27.78 -3.26 1.85
CA PHE B 110 -28.37 -4.56 2.16
C PHE B 110 -27.35 -5.61 2.62
N TYR B 111 -27.84 -6.76 3.12
CA TYR B 111 -27.03 -7.87 3.60
C TYR B 111 -27.23 -9.14 2.77
N SER B 112 -26.12 -9.79 2.38
CA SER B 112 -26.11 -11.03 1.57
C SER B 112 -25.24 -12.12 2.22
N SER B 113 -25.40 -13.38 1.77
CA SER B 113 -24.64 -14.53 2.29
C SER B 113 -23.89 -15.24 1.16
N VAL B 120 -21.86 -13.71 5.90
CA VAL B 120 -22.67 -12.50 5.92
C VAL B 120 -21.83 -11.30 5.44
N TYR B 121 -22.32 -10.59 4.40
CA TYR B 121 -21.68 -9.43 3.78
C TYR B 121 -22.56 -8.17 3.85
N LEU B 122 -21.94 -6.99 3.70
CA LEU B 122 -22.62 -5.69 3.65
C LEU B 122 -22.40 -5.11 2.26
N ASN B 123 -23.50 -4.89 1.53
CA ASN B 123 -23.47 -4.34 0.19
C ASN B 123 -23.92 -2.89 0.24
N LEU B 124 -23.15 -1.98 -0.38
CA LEU B 124 -23.46 -0.55 -0.40
C LEU B 124 -23.76 -0.05 -1.81
N VAL B 125 -25.04 0.24 -2.09
CA VAL B 125 -25.45 0.75 -3.41
C VAL B 125 -25.10 2.24 -3.41
N LEU B 126 -24.08 2.59 -4.20
CA LEU B 126 -23.54 3.95 -4.31
C LEU B 126 -23.65 4.45 -5.76
N ASP B 127 -23.26 5.70 -6.01
CA ASP B 127 -23.28 6.31 -7.34
C ASP B 127 -22.16 5.73 -8.19
N TYR B 128 -22.44 5.51 -9.49
CA TYR B 128 -21.42 5.06 -10.43
C TYR B 128 -20.91 6.28 -11.21
N VAL B 129 -19.58 6.46 -11.23
CA VAL B 129 -18.93 7.56 -11.96
C VAL B 129 -17.91 6.92 -12.92
N PRO B 130 -17.97 7.22 -14.26
CA PRO B 130 -17.08 6.53 -15.22
C PRO B 130 -15.56 6.70 -15.03
N GLU B 131 -15.03 7.93 -14.91
CA GLU B 131 -13.57 8.11 -14.77
C GLU B 131 -13.13 8.53 -13.37
N THR B 132 -11.80 8.69 -13.19
CA THR B 132 -11.12 9.13 -11.96
C THR B 132 -10.08 10.19 -12.33
N VAL B 133 -9.66 11.01 -11.34
CA VAL B 133 -8.65 12.07 -11.52
C VAL B 133 -7.30 11.44 -11.94
N TYR B 134 -6.98 10.25 -11.38
CA TYR B 134 -5.77 9.48 -11.69
C TYR B 134 -5.69 9.10 -13.17
N ARG B 135 -6.78 8.51 -13.72
CA ARG B 135 -6.89 8.11 -15.13
C ARG B 135 -6.80 9.30 -16.08
N VAL B 136 -7.47 10.43 -15.75
CA VAL B 136 -7.45 11.65 -16.56
C VAL B 136 -6.04 12.28 -16.57
N ALA B 137 -5.37 12.34 -15.39
CA ALA B 137 -4.01 12.85 -15.24
C ALA B 137 -3.00 11.96 -15.98
N ARG B 138 -3.24 10.63 -15.98
CA ARG B 138 -2.43 9.61 -16.65
C ARG B 138 -2.42 9.83 -18.17
N HIS B 139 -3.60 10.16 -18.76
CA HIS B 139 -3.80 10.42 -20.19
C HIS B 139 -2.85 11.49 -20.73
N TYR B 140 -2.67 12.59 -19.98
CA TYR B 140 -1.78 13.71 -20.34
C TYR B 140 -0.31 13.34 -20.16
N SER B 141 0.02 12.62 -19.06
CA SER B 141 1.38 12.18 -18.74
C SER B 141 1.93 11.22 -19.80
N ARG B 142 1.07 10.30 -20.30
CA ARG B 142 1.42 9.31 -21.33
C ARG B 142 1.58 9.99 -22.70
N ALA B 143 0.86 11.11 -22.93
CA ALA B 143 0.88 11.86 -24.17
C ALA B 143 1.86 13.07 -24.13
N LYS B 144 2.66 13.18 -23.05
CA LYS B 144 3.65 14.25 -22.81
C LYS B 144 3.01 15.65 -22.79
N GLN B 145 1.71 15.72 -22.46
CA GLN B 145 0.92 16.95 -22.37
C GLN B 145 0.67 17.37 -20.91
N THR B 146 0.26 18.63 -20.72
CA THR B 146 -0.04 19.20 -19.41
C THR B 146 -1.56 19.33 -19.26
N LEU B 147 -2.07 19.05 -18.05
CA LEU B 147 -3.51 19.17 -17.74
C LEU B 147 -3.87 20.66 -17.66
N PRO B 148 -4.81 21.15 -18.53
CA PRO B 148 -5.18 22.57 -18.49
C PRO B 148 -5.55 23.10 -17.11
N VAL B 149 -5.11 24.34 -16.80
CA VAL B 149 -5.32 25.01 -15.49
C VAL B 149 -6.81 25.13 -15.11
N ILE B 150 -7.72 25.20 -16.10
CA ILE B 150 -9.17 25.24 -15.87
C ILE B 150 -9.64 23.95 -15.18
N TYR B 151 -9.10 22.80 -15.62
CA TYR B 151 -9.41 21.48 -15.06
C TYR B 151 -8.80 21.33 -13.67
N VAL B 152 -7.59 21.88 -13.46
CA VAL B 152 -6.88 21.89 -12.17
C VAL B 152 -7.70 22.72 -11.17
N LYS B 153 -8.25 23.89 -11.63
CA LYS B 153 -9.10 24.78 -10.83
C LYS B 153 -10.42 24.11 -10.45
N LEU B 154 -11.09 23.45 -11.42
CA LEU B 154 -12.37 22.77 -11.18
C LEU B 154 -12.26 21.55 -10.27
N TYR B 155 -11.24 20.70 -10.45
CA TYR B 155 -11.06 19.49 -9.66
C TYR B 155 -10.64 19.78 -8.22
N MET B 156 -9.72 20.74 -8.02
CA MET B 156 -9.23 21.11 -6.70
C MET B 156 -10.27 21.81 -5.83
N TYR B 157 -11.04 22.74 -6.43
CA TYR B 157 -12.11 23.48 -5.74
C TYR B 157 -13.19 22.51 -5.21
N GLN B 158 -13.58 21.53 -6.04
CA GLN B 158 -14.58 20.53 -5.70
C GLN B 158 -14.09 19.57 -4.60
N LEU B 159 -12.77 19.32 -4.53
CA LEU B 159 -12.15 18.47 -3.51
C LEU B 159 -12.16 19.19 -2.16
N PHE B 160 -11.85 20.49 -2.13
CA PHE B 160 -11.87 21.31 -0.91
C PHE B 160 -13.30 21.57 -0.44
N ARG B 161 -14.28 21.62 -1.36
CA ARG B 161 -15.68 21.83 -1.02
C ARG B 161 -16.24 20.60 -0.29
N SER B 162 -15.89 19.38 -0.76
CA SER B 162 -16.29 18.11 -0.15
C SER B 162 -15.55 17.91 1.18
N LEU B 163 -14.33 18.46 1.29
CA LEU B 163 -13.48 18.42 2.48
C LEU B 163 -14.02 19.35 3.57
N ALA B 164 -14.54 20.55 3.19
CA ALA B 164 -15.13 21.52 4.11
C ALA B 164 -16.40 20.95 4.76
N TYR B 165 -17.16 20.11 4.01
CA TYR B 165 -18.38 19.46 4.45
C TYR B 165 -18.10 18.31 5.44
N ILE B 166 -17.15 17.40 5.11
CA ILE B 166 -16.81 16.26 5.96
C ILE B 166 -16.12 16.69 7.25
N HIS B 167 -15.25 17.71 7.19
CA HIS B 167 -14.51 18.23 8.35
C HIS B 167 -15.39 18.99 9.35
N SER B 168 -16.58 19.47 8.92
CA SER B 168 -17.53 20.18 9.78
C SER B 168 -18.22 19.23 10.78
N PHE B 169 -18.27 17.92 10.45
CA PHE B 169 -18.84 16.87 11.29
C PHE B 169 -17.77 16.21 12.17
N GLY B 170 -16.50 16.58 11.93
CA GLY B 170 -15.34 16.04 12.64
C GLY B 170 -14.74 14.85 11.94
N ILE B 171 -15.35 14.43 10.81
CA ILE B 171 -14.92 13.28 10.00
C ILE B 171 -13.75 13.66 9.09
N CYS B 172 -12.68 12.86 9.15
CA CYS B 172 -11.48 13.02 8.34
C CYS B 172 -11.38 11.81 7.42
N HIS B 173 -11.31 12.04 6.09
CA HIS B 173 -11.25 10.99 5.06
C HIS B 173 -10.07 10.02 5.23
N ARG B 174 -8.88 10.56 5.57
CA ARG B 174 -7.62 9.84 5.82
C ARG B 174 -7.11 8.99 4.62
N ASP B 175 -7.62 9.25 3.39
CA ASP B 175 -7.18 8.54 2.19
C ASP B 175 -7.42 9.34 0.89
N ILE B 176 -7.02 10.63 0.90
CA ILE B 176 -7.17 11.53 -0.26
C ILE B 176 -6.06 11.22 -1.29
N LYS B 177 -6.50 10.74 -2.47
CA LYS B 177 -5.65 10.37 -3.61
C LYS B 177 -6.43 10.50 -4.94
N PRO B 178 -5.79 10.77 -6.11
CA PRO B 178 -6.56 10.90 -7.37
C PRO B 178 -7.38 9.68 -7.77
N GLN B 179 -7.05 8.48 -7.23
CA GLN B 179 -7.77 7.23 -7.49
C GLN B 179 -9.12 7.23 -6.78
N ASN B 180 -9.22 7.97 -5.66
CA ASN B 180 -10.44 8.10 -4.86
C ASN B 180 -11.27 9.34 -5.23
N LEU B 181 -10.81 10.12 -6.23
CA LEU B 181 -11.54 11.31 -6.69
C LEU B 181 -12.19 10.99 -8.05
N LEU B 182 -13.46 10.60 -8.01
CA LEU B 182 -14.25 10.22 -9.19
C LEU B 182 -14.55 11.40 -10.10
N LEU B 183 -14.63 11.15 -11.41
CA LEU B 183 -14.82 12.18 -12.42
C LEU B 183 -15.78 11.80 -13.54
N ASP B 184 -16.65 12.75 -13.92
CA ASP B 184 -17.57 12.63 -15.05
C ASP B 184 -16.92 13.50 -16.16
N PRO B 185 -16.48 12.91 -17.29
CA PRO B 185 -15.77 13.72 -18.31
C PRO B 185 -16.58 14.84 -18.97
N ASP B 186 -17.90 14.63 -19.17
CA ASP B 186 -18.78 15.60 -19.82
C ASP B 186 -19.15 16.82 -18.96
N THR B 187 -19.60 16.58 -17.71
CA THR B 187 -20.04 17.62 -16.77
C THR B 187 -18.95 18.19 -15.87
N ALA B 188 -17.81 17.46 -15.73
CA ALA B 188 -16.65 17.78 -14.91
C ALA B 188 -16.95 17.84 -13.39
N VAL B 189 -17.94 17.04 -12.93
CA VAL B 189 -18.32 16.94 -11.53
C VAL B 189 -17.42 15.93 -10.81
N LEU B 190 -16.79 16.35 -9.71
CA LEU B 190 -15.90 15.52 -8.90
C LEU B 190 -16.69 14.95 -7.73
N LYS B 191 -16.41 13.69 -7.36
CA LYS B 191 -17.05 12.99 -6.25
C LYS B 191 -16.03 12.20 -5.43
N LEU B 192 -16.08 12.35 -4.11
CA LEU B 192 -15.19 11.63 -3.20
C LEU B 192 -15.72 10.22 -2.91
N CYS B 193 -14.83 9.22 -2.90
CA CYS B 193 -15.20 7.83 -2.61
C CYS B 193 -14.20 7.14 -1.67
N ASP B 194 -14.55 5.93 -1.19
CA ASP B 194 -13.78 5.09 -0.25
C ASP B 194 -13.63 5.79 1.12
N PHE B 195 -14.67 5.65 1.97
CA PHE B 195 -14.69 6.23 3.31
C PHE B 195 -14.39 5.17 4.39
N GLY B 196 -13.70 4.11 4.00
CA GLY B 196 -13.29 3.01 4.85
C GLY B 196 -12.22 3.43 5.85
N SER B 197 -11.27 4.29 5.42
CA SER B 197 -10.21 4.83 6.26
C SER B 197 -10.75 5.94 7.18
N ALA B 198 -11.82 6.63 6.73
CA ALA B 198 -12.49 7.74 7.43
C ALA B 198 -12.87 7.44 8.87
N LYS B 199 -12.70 8.45 9.75
CA LYS B 199 -12.95 8.38 11.19
C LYS B 199 -13.24 9.78 11.75
N GLN B 200 -14.13 9.87 12.75
CA GLN B 200 -14.47 11.12 13.43
C GLN B 200 -13.39 11.37 14.48
N LEU B 201 -12.44 12.28 14.17
CA LEU B 201 -11.31 12.60 15.05
C LEU B 201 -11.75 13.37 16.29
N VAL B 202 -11.36 12.87 17.47
CA VAL B 202 -11.68 13.45 18.78
C VAL B 202 -10.37 13.81 19.49
N ARG B 203 -10.30 15.02 20.09
CA ARG B 203 -9.13 15.51 20.84
C ARG B 203 -8.86 14.61 22.05
N GLY B 204 -7.62 14.15 22.16
CA GLY B 204 -7.18 13.29 23.25
C GLY B 204 -7.12 11.81 22.90
N GLU B 205 -8.06 11.34 22.04
CA GLU B 205 -8.13 9.94 21.61
C GLU B 205 -7.11 9.64 20.49
N PRO B 206 -6.10 8.78 20.75
CA PRO B 206 -5.09 8.50 19.71
C PRO B 206 -5.59 7.75 18.48
N ASN B 207 -4.86 7.88 17.36
CA ASN B 207 -5.18 7.28 16.06
C ASN B 207 -3.96 6.54 15.49
N VAL B 208 -4.20 5.70 14.46
CA VAL B 208 -3.17 4.93 13.75
C VAL B 208 -2.32 5.91 12.91
N SER B 209 -0.98 5.77 12.98
CA SER B 209 -0.03 6.62 12.25
C SER B 209 0.10 6.25 10.77
N TYR B 210 0.28 4.95 10.44
CA TYR B 210 0.40 4.48 9.06
C TYR B 210 -0.95 4.47 8.34
N ILE B 211 -1.37 5.66 7.89
CA ILE B 211 -2.61 5.91 7.13
C ILE B 211 -2.29 6.79 5.91
N CYS B 212 -3.21 6.85 4.91
CA CYS B 212 -3.08 7.57 3.63
C CYS B 212 -2.10 6.82 2.69
N SER B 213 -2.16 7.13 1.38
CA SER B 213 -1.22 6.54 0.42
C SER B 213 0.11 7.29 0.56
N ARG B 214 1.23 6.56 0.54
CA ARG B 214 2.61 7.07 0.73
C ARG B 214 2.89 8.46 0.15
N TYR B 215 2.64 8.65 -1.17
CA TYR B 215 2.88 9.90 -1.90
C TYR B 215 2.06 11.10 -1.39
N TYR B 216 0.96 10.84 -0.67
CA TYR B 216 0.02 11.83 -0.14
C TYR B 216 -0.01 11.86 1.40
N ARG B 217 0.84 11.04 2.05
CA ARG B 217 0.96 10.95 3.49
C ARG B 217 1.61 12.22 4.06
N ALA B 218 0.95 12.81 5.07
CA ALA B 218 1.38 14.04 5.75
C ALA B 218 2.67 13.83 6.56
N PRO B 219 3.52 14.87 6.77
CA PRO B 219 4.77 14.65 7.54
C PRO B 219 4.60 14.25 9.00
N GLU B 220 3.44 14.60 9.64
CA GLU B 220 3.12 14.23 11.02
C GLU B 220 3.09 12.71 11.15
N LEU B 221 2.40 12.05 10.20
CA LEU B 221 2.20 10.60 10.11
C LEU B 221 3.52 9.85 9.87
N ILE B 222 4.48 10.47 9.15
CA ILE B 222 5.81 9.90 8.91
C ILE B 222 6.59 9.98 10.24
N PHE B 223 6.41 11.09 10.98
CA PHE B 223 7.03 11.33 12.28
C PHE B 223 6.37 10.54 13.42
N GLY B 224 5.35 9.74 13.08
CA GLY B 224 4.64 8.86 14.02
C GLY B 224 3.58 9.48 14.89
N ALA B 225 3.02 10.63 14.48
CA ALA B 225 1.96 11.32 15.23
C ALA B 225 0.67 10.50 15.33
N THR B 226 0.24 10.25 16.58
CA THR B 226 -0.99 9.52 16.91
C THR B 226 -2.11 10.53 17.20
N ASP B 227 -1.73 11.76 17.56
CA ASP B 227 -2.65 12.87 17.83
C ASP B 227 -2.51 13.92 16.71
N TYR B 228 -3.46 13.87 15.75
CA TYR B 228 -3.51 14.77 14.58
C TYR B 228 -4.92 15.24 14.27
N THR B 229 -5.02 16.44 13.65
CA THR B 229 -6.27 17.08 13.26
C THR B 229 -6.67 16.67 11.83
N SER B 230 -7.83 17.14 11.33
CA SER B 230 -8.27 16.84 9.97
C SER B 230 -7.48 17.61 8.89
N SER B 231 -6.35 18.26 9.30
CA SER B 231 -5.44 19.02 8.44
C SER B 231 -4.56 18.10 7.57
N ILE B 232 -4.60 16.77 7.82
CA ILE B 232 -3.86 15.77 7.05
C ILE B 232 -4.44 15.60 5.65
N ASP B 233 -5.76 15.85 5.50
CA ASP B 233 -6.48 15.80 4.23
C ASP B 233 -6.11 17.00 3.35
N VAL B 234 -5.81 18.15 4.01
CA VAL B 234 -5.39 19.42 3.39
C VAL B 234 -4.01 19.21 2.72
N TRP B 235 -3.09 18.50 3.40
CA TRP B 235 -1.75 18.17 2.88
C TRP B 235 -1.90 17.26 1.65
N SER B 236 -2.72 16.19 1.78
CA SER B 236 -3.00 15.20 0.73
C SER B 236 -3.56 15.88 -0.52
N ALA B 237 -4.45 16.89 -0.32
CA ALA B 237 -5.04 17.69 -1.39
C ALA B 237 -3.95 18.54 -2.08
N GLY B 238 -3.02 19.08 -1.29
CA GLY B 238 -1.89 19.85 -1.77
C GLY B 238 -0.95 19.02 -2.62
N CYS B 239 -0.82 17.72 -2.28
CA CYS B 239 -0.01 16.72 -3.00
C CYS B 239 -0.66 16.41 -4.36
N VAL B 240 -2.01 16.42 -4.42
CA VAL B 240 -2.80 16.19 -5.63
C VAL B 240 -2.65 17.40 -6.56
N LEU B 241 -2.81 18.63 -6.01
CA LEU B 241 -2.67 19.91 -6.73
C LEU B 241 -1.32 20.04 -7.43
N ALA B 242 -0.21 19.78 -6.71
CA ALA B 242 1.15 19.84 -7.26
C ALA B 242 1.35 18.76 -8.34
N GLU B 243 0.69 17.58 -8.17
CA GLU B 243 0.73 16.46 -9.11
C GLU B 243 0.02 16.83 -10.41
N LEU B 244 -1.10 17.60 -10.33
CA LEU B 244 -1.84 18.05 -11.50
C LEU B 244 -1.08 19.18 -12.23
N LEU B 245 -0.16 19.87 -11.51
CA LEU B 245 0.67 20.95 -12.05
C LEU B 245 1.98 20.43 -12.63
N LEU B 246 2.55 19.36 -12.06
CA LEU B 246 3.81 18.75 -12.51
C LEU B 246 3.60 17.65 -13.54
N GLY B 247 2.52 16.89 -13.40
CA GLY B 247 2.19 15.77 -14.27
C GLY B 247 2.72 14.45 -13.76
N GLN B 248 3.21 14.46 -12.51
CA GLN B 248 3.79 13.32 -11.79
C GLN B 248 3.78 13.61 -10.27
N PRO B 249 3.76 12.59 -9.37
CA PRO B 249 3.76 12.89 -7.92
C PRO B 249 4.96 13.74 -7.50
N ILE B 250 4.71 14.74 -6.62
CA ILE B 250 5.74 15.66 -6.11
C ILE B 250 6.71 14.93 -5.16
N PHE B 251 6.18 14.02 -4.31
CA PHE B 251 7.00 13.26 -3.36
C PHE B 251 6.92 11.74 -3.63
N PRO B 252 7.62 11.20 -4.64
CA PRO B 252 7.55 9.75 -4.89
C PRO B 252 8.55 8.96 -4.02
N GLY B 253 8.10 8.59 -2.82
CA GLY B 253 8.91 7.86 -1.84
C GLY B 253 9.01 6.37 -2.07
N ASP B 254 10.25 5.83 -2.06
CA ASP B 254 10.55 4.41 -2.24
C ASP B 254 10.25 3.62 -0.98
N SER B 255 10.41 4.27 0.18
CA SER B 255 10.21 3.72 1.52
C SER B 255 9.38 4.72 2.35
N GLY B 256 9.06 4.34 3.60
CA GLY B 256 8.36 5.18 4.54
C GLY B 256 9.22 6.34 5.00
N VAL B 257 10.56 6.11 5.04
CA VAL B 257 11.57 7.12 5.41
C VAL B 257 12.03 7.94 4.19
N ASP B 258 12.01 7.33 2.98
CA ASP B 258 12.39 7.98 1.72
C ASP B 258 11.34 9.02 1.33
N GLN B 259 10.10 8.87 1.86
CA GLN B 259 8.98 9.78 1.67
C GLN B 259 9.31 11.16 2.28
N LEU B 260 9.97 11.16 3.47
CA LEU B 260 10.40 12.36 4.19
C LEU B 260 11.57 13.03 3.47
N VAL B 261 12.44 12.23 2.83
CA VAL B 261 13.60 12.71 2.05
C VAL B 261 13.08 13.51 0.84
N GLU B 262 11.99 13.03 0.18
CA GLU B 262 11.34 13.68 -0.97
C GLU B 262 10.73 15.04 -0.58
N ILE B 263 10.16 15.14 0.64
CA ILE B 263 9.55 16.35 1.21
C ILE B 263 10.65 17.37 1.53
N ILE B 264 11.72 16.91 2.23
CA ILE B 264 12.90 17.71 2.62
C ILE B 264 13.63 18.30 1.37
N LYS B 265 13.56 17.58 0.22
CA LYS B 265 14.16 17.99 -1.05
C LYS B 265 13.60 19.33 -1.60
N VAL B 266 12.35 19.70 -1.23
CA VAL B 266 11.72 20.95 -1.67
C VAL B 266 11.41 21.89 -0.50
N LEU B 267 10.89 21.35 0.63
CA LEU B 267 10.52 22.13 1.81
C LEU B 267 11.67 22.43 2.77
N GLY B 268 12.77 21.69 2.64
CA GLY B 268 13.94 21.84 3.50
C GLY B 268 13.80 21.08 4.80
N THR B 269 14.77 21.26 5.70
CA THR B 269 14.73 20.60 7.01
C THR B 269 13.77 21.38 7.94
N PRO B 270 12.78 20.70 8.56
CA PRO B 270 11.86 21.42 9.46
C PRO B 270 12.54 21.98 10.71
N THR B 271 12.11 23.19 11.14
CA THR B 271 12.64 23.86 12.33
C THR B 271 12.18 23.13 13.61
N ARG B 272 12.79 23.46 14.77
CA ARG B 272 12.43 22.87 16.07
C ARG B 272 10.96 23.12 16.40
N GLU B 273 10.45 24.34 16.10
CA GLU B 273 9.06 24.73 16.32
C GLU B 273 8.13 24.00 15.33
N GLN B 274 8.60 23.74 14.08
CA GLN B 274 7.85 23.02 13.05
C GLN B 274 7.63 21.54 13.43
N ILE B 275 8.67 20.90 13.99
CA ILE B 275 8.66 19.50 14.43
C ILE B 275 7.71 19.32 15.64
N ARG B 276 7.83 20.18 16.67
CA ARG B 276 7.01 20.16 17.89
C ARG B 276 5.52 20.41 17.63
N GLU B 277 5.19 21.17 16.55
CA GLU B 277 3.80 21.48 16.20
C GLU B 277 3.05 20.32 15.51
N MET B 278 3.72 19.17 15.29
CA MET B 278 3.12 18.02 14.59
C MET B 278 2.19 17.13 15.47
N ASN B 279 2.60 16.52 16.63
CA ASN B 279 3.92 16.41 17.28
C ASN B 279 4.42 14.96 17.13
N PRO B 280 5.75 14.69 17.11
CA PRO B 280 6.21 13.31 16.85
C PRO B 280 6.35 12.38 18.06
N ASN B 281 6.19 11.06 17.79
CA ASN B 281 6.40 9.99 18.76
C ASN B 281 7.87 9.55 18.63
N TYR B 282 8.50 9.86 17.48
CA TYR B 282 9.90 9.60 17.14
C TYR B 282 10.41 10.64 16.14
N THR B 283 11.56 11.27 16.46
CA THR B 283 12.18 12.32 15.64
C THR B 283 13.69 12.07 15.41
N GLU B 284 14.15 10.82 15.63
CA GLU B 284 15.54 10.40 15.46
C GLU B 284 15.85 9.93 14.02
N PHE B 285 15.26 10.64 13.02
CA PHE B 285 15.41 10.36 11.59
C PHE B 285 16.80 10.66 11.05
N LYS B 286 17.51 11.62 11.67
CA LYS B 286 18.85 12.11 11.30
C LYS B 286 18.83 12.82 9.92
N PHE B 287 19.94 12.76 9.15
CA PHE B 287 20.13 13.42 7.84
C PHE B 287 19.72 14.93 7.90
N PRO B 288 20.42 15.80 8.68
CA PRO B 288 19.96 17.19 8.80
C PRO B 288 20.62 18.19 7.85
N GLN B 289 20.50 19.50 8.18
CA GLN B 289 21.07 20.67 7.49
C GLN B 289 20.84 20.69 5.96
N ILE B 290 19.58 20.52 5.53
CA ILE B 290 19.23 20.54 4.10
C ILE B 290 18.36 21.77 3.79
N LYS B 291 18.83 22.58 2.82
CA LYS B 291 18.22 23.83 2.38
C LYS B 291 16.87 23.65 1.68
N ALA B 292 15.99 24.67 1.76
CA ALA B 292 14.67 24.67 1.14
C ALA B 292 14.74 25.19 -0.29
N HIS B 293 13.94 24.59 -1.19
CA HIS B 293 13.93 24.95 -2.60
C HIS B 293 12.79 25.92 -2.97
N PRO B 294 13.09 27.04 -3.68
CA PRO B 294 12.02 27.98 -4.08
C PRO B 294 10.89 27.32 -4.85
N TRP B 295 9.63 27.58 -4.43
CA TRP B 295 8.41 27.01 -5.01
C TRP B 295 8.22 27.27 -6.50
N THR B 296 8.68 28.44 -7.00
CA THR B 296 8.58 28.81 -8.42
C THR B 296 9.49 27.93 -9.28
N LYS B 297 10.68 27.57 -8.75
CA LYS B 297 11.66 26.71 -9.43
C LYS B 297 11.24 25.23 -9.43
N VAL B 298 10.35 24.83 -8.49
CA VAL B 298 9.81 23.48 -8.36
C VAL B 298 8.92 23.14 -9.57
N PHE B 299 8.05 24.08 -9.96
CA PHE B 299 7.14 23.91 -11.10
C PHE B 299 7.69 24.42 -12.42
N ARG B 300 7.04 24.01 -13.52
CA ARG B 300 7.31 24.35 -14.92
C ARG B 300 7.31 25.89 -15.15
N PRO B 301 8.00 26.44 -16.18
CA PRO B 301 7.93 27.90 -16.39
C PRO B 301 6.55 28.30 -16.92
N ARG B 302 6.11 29.52 -16.53
CA ARG B 302 4.81 30.12 -16.88
C ARG B 302 3.63 29.44 -16.17
N THR B 303 3.90 28.83 -14.99
CA THR B 303 2.87 28.20 -14.15
C THR B 303 2.17 29.36 -13.40
N PRO B 304 0.82 29.42 -13.36
CA PRO B 304 0.16 30.55 -12.68
C PRO B 304 0.66 30.79 -11.26
N PRO B 305 1.04 32.05 -10.92
CA PRO B 305 1.58 32.34 -9.58
C PRO B 305 0.62 32.08 -8.43
N GLU B 306 -0.70 32.09 -8.70
CA GLU B 306 -1.76 31.83 -7.73
C GLU B 306 -1.71 30.37 -7.28
N ALA B 307 -1.46 29.43 -8.23
CA ALA B 307 -1.33 27.98 -7.98
C ALA B 307 -0.13 27.69 -7.07
N ILE B 308 0.97 28.43 -7.30
CA ILE B 308 2.23 28.35 -6.54
C ILE B 308 1.98 28.85 -5.10
N ALA B 309 1.23 29.96 -4.95
CA ALA B 309 0.89 30.59 -3.66
C ALA B 309 -0.02 29.69 -2.81
N LEU B 310 -1.01 29.04 -3.46
CA LEU B 310 -1.96 28.11 -2.84
C LEU B 310 -1.23 26.84 -2.36
N CYS B 311 -0.39 26.24 -3.23
CA CYS B 311 0.39 25.03 -2.96
C CYS B 311 1.37 25.23 -1.80
N SER B 312 1.90 26.46 -1.66
CA SER B 312 2.82 26.87 -0.60
C SER B 312 2.13 26.90 0.77
N ARG B 313 0.84 27.32 0.81
CA ARG B 313 0.02 27.42 2.01
C ARG B 313 -0.68 26.10 2.38
N LEU B 314 -0.64 25.08 1.50
CA LEU B 314 -1.24 23.77 1.74
C LEU B 314 -0.17 22.78 2.20
N LEU B 315 0.99 22.79 1.52
CA LEU B 315 2.12 21.92 1.82
C LEU B 315 3.08 22.59 2.82
N GLU B 316 2.57 22.81 4.06
CA GLU B 316 3.28 23.42 5.18
C GLU B 316 3.63 22.33 6.19
N TYR B 317 4.80 22.46 6.85
CA TYR B 317 5.25 21.50 7.88
C TYR B 317 4.33 21.58 9.10
N THR B 318 4.05 22.81 9.58
CA THR B 318 3.17 23.09 10.71
C THR B 318 1.70 22.84 10.28
N PRO B 319 1.00 21.87 10.91
CA PRO B 319 -0.41 21.59 10.51
C PRO B 319 -1.38 22.75 10.72
N THR B 320 -1.17 23.56 11.79
CA THR B 320 -1.99 24.72 12.13
C THR B 320 -1.76 25.88 11.14
N ALA B 321 -0.59 25.90 10.45
CA ALA B 321 -0.23 26.92 9.47
C ALA B 321 -0.89 26.68 8.11
N ARG B 322 -1.42 25.47 7.89
CA ARG B 322 -2.10 25.08 6.67
C ARG B 322 -3.46 25.74 6.53
N LEU B 323 -3.83 26.07 5.29
CA LEU B 323 -5.10 26.68 4.92
C LEU B 323 -6.25 25.69 5.13
N THR B 324 -7.40 26.17 5.65
CA THR B 324 -8.58 25.31 5.86
C THR B 324 -9.26 25.06 4.51
N PRO B 325 -10.08 23.98 4.33
CA PRO B 325 -10.71 23.75 3.01
C PRO B 325 -11.51 24.94 2.44
N LEU B 326 -12.23 25.70 3.29
CA LEU B 326 -12.99 26.90 2.88
C LEU B 326 -12.06 28.04 2.46
N GLU B 327 -10.96 28.22 3.22
CA GLU B 327 -9.92 29.24 2.96
C GLU B 327 -9.26 28.95 1.62
N ALA B 328 -9.11 27.65 1.28
CA ALA B 328 -8.54 27.17 0.01
C ALA B 328 -9.53 27.46 -1.13
N CYS B 329 -10.84 27.32 -0.88
CA CYS B 329 -11.91 27.61 -1.85
C CYS B 329 -12.02 29.10 -2.16
N ALA B 330 -11.69 29.95 -1.17
CA ALA B 330 -11.73 31.42 -1.26
C ALA B 330 -10.42 32.02 -1.81
N HIS B 331 -9.42 31.18 -2.13
CA HIS B 331 -8.10 31.58 -2.66
C HIS B 331 -8.19 32.18 -4.06
N SER B 332 -7.25 33.09 -4.38
CA SER B 332 -7.15 33.81 -5.67
C SER B 332 -7.06 32.90 -6.89
N PHE B 333 -6.58 31.65 -6.73
CA PHE B 333 -6.43 30.68 -7.81
C PHE B 333 -7.75 30.24 -8.42
N PHE B 334 -8.83 30.16 -7.61
CA PHE B 334 -10.15 29.74 -8.08
C PHE B 334 -11.06 30.91 -8.50
N ASP B 335 -10.48 32.13 -8.67
CA ASP B 335 -11.21 33.34 -9.08
C ASP B 335 -11.81 33.25 -10.49
N GLU B 336 -11.20 32.44 -11.39
CA GLU B 336 -11.67 32.22 -12.76
C GLU B 336 -13.04 31.54 -12.78
N LEU B 337 -13.27 30.61 -11.82
CA LEU B 337 -14.55 29.89 -11.69
C LEU B 337 -15.65 30.84 -11.19
N ARG B 338 -15.27 31.88 -10.43
CA ARG B 338 -16.16 32.90 -9.88
C ARG B 338 -16.62 33.94 -10.91
N ASP B 339 -15.97 33.98 -12.11
CA ASP B 339 -16.30 34.87 -13.22
C ASP B 339 -17.67 34.49 -13.80
N PRO B 340 -18.58 35.46 -14.07
CA PRO B 340 -19.92 35.07 -14.59
C PRO B 340 -19.92 34.55 -16.04
N ASN B 341 -18.81 34.76 -16.76
CA ASN B 341 -18.64 34.38 -18.17
C ASN B 341 -17.88 33.05 -18.38
N VAL B 342 -17.51 32.36 -17.27
CA VAL B 342 -16.77 31.10 -17.31
C VAL B 342 -17.65 29.93 -17.85
N LYS B 343 -17.04 29.12 -18.73
CA LYS B 343 -17.64 27.95 -19.39
C LYS B 343 -16.60 26.83 -19.46
N LEU B 344 -17.06 25.57 -19.59
CA LEU B 344 -16.17 24.41 -19.73
C LEU B 344 -15.54 24.40 -21.14
N PRO B 345 -14.34 23.79 -21.36
CA PRO B 345 -13.74 23.79 -22.71
C PRO B 345 -14.57 23.12 -23.82
N ASN B 346 -15.61 22.35 -23.45
CA ASN B 346 -16.51 21.67 -24.38
C ASN B 346 -17.81 22.47 -24.66
N GLY B 347 -17.84 23.73 -24.23
CA GLY B 347 -18.97 24.63 -24.43
C GLY B 347 -19.97 24.67 -23.30
N ARG B 348 -20.16 23.54 -22.59
CA ARG B 348 -21.09 23.37 -21.46
C ARG B 348 -20.79 24.34 -20.31
N ASP B 349 -21.81 24.63 -19.48
CA ASP B 349 -21.69 25.52 -18.32
C ASP B 349 -21.04 24.78 -17.15
N THR B 350 -20.29 25.50 -16.31
CA THR B 350 -19.62 24.96 -15.12
C THR B 350 -20.65 24.44 -14.11
N PRO B 351 -20.38 23.34 -13.34
CA PRO B 351 -21.40 22.85 -12.39
C PRO B 351 -21.67 23.78 -11.20
N ALA B 352 -22.63 23.41 -10.32
CA ALA B 352 -22.99 24.18 -9.12
C ALA B 352 -21.82 24.22 -8.15
N LEU B 353 -21.18 25.40 -8.04
CA LEU B 353 -20.01 25.63 -7.20
C LEU B 353 -20.26 26.65 -6.08
N PHE B 354 -21.40 27.37 -6.12
CA PHE B 354 -21.70 28.42 -5.15
C PHE B 354 -22.94 28.16 -4.26
N ASN B 355 -23.58 26.97 -4.42
CA ASN B 355 -24.76 26.59 -3.63
C ASN B 355 -24.39 26.03 -2.23
N PHE B 356 -23.58 26.82 -1.48
CA PHE B 356 -23.11 26.50 -0.13
C PHE B 356 -24.24 26.53 0.90
N THR B 357 -24.11 25.70 1.95
CA THR B 357 -25.07 25.58 3.05
C THR B 357 -24.46 26.08 4.37
N THR B 358 -25.30 26.24 5.42
CA THR B 358 -24.85 26.68 6.76
C THR B 358 -23.88 25.67 7.39
N GLN B 359 -24.01 24.37 7.04
CA GLN B 359 -23.13 23.29 7.51
C GLN B 359 -21.75 23.40 6.84
N GLU B 360 -21.73 23.82 5.56
CA GLU B 360 -20.51 23.99 4.76
C GLU B 360 -19.74 25.24 5.17
N LEU B 361 -20.46 26.34 5.47
CA LEU B 361 -19.91 27.64 5.87
C LEU B 361 -19.67 27.74 7.39
N SER B 362 -20.09 26.70 8.16
CA SER B 362 -20.02 26.61 9.63
C SER B 362 -18.72 27.09 10.28
N SER B 363 -17.55 26.67 9.75
CA SER B 363 -16.24 27.03 10.30
C SER B 363 -15.93 28.53 10.22
N ASN B 364 -16.14 29.14 9.03
CA ASN B 364 -15.88 30.56 8.81
C ASN B 364 -17.02 31.22 8.00
N PRO B 365 -18.17 31.57 8.64
CA PRO B 365 -19.28 32.18 7.89
C PRO B 365 -18.98 33.47 7.09
N PRO B 366 -18.17 34.48 7.54
CA PRO B 366 -17.96 35.67 6.67
C PRO B 366 -17.21 35.43 5.35
N LEU B 367 -16.75 34.19 5.09
CA LEU B 367 -16.07 33.82 3.83
C LEU B 367 -17.03 33.80 2.64
N ALA B 368 -18.35 33.70 2.90
CA ALA B 368 -19.44 33.69 1.92
C ALA B 368 -19.44 34.92 1.00
N THR B 369 -18.85 36.04 1.47
CA THR B 369 -18.71 37.29 0.71
C THR B 369 -17.77 37.13 -0.48
N ILE B 370 -16.74 36.25 -0.35
CA ILE B 370 -15.77 35.95 -1.41
C ILE B 370 -16.25 34.73 -2.22
N LEU B 371 -16.63 33.63 -1.53
CA LEU B 371 -17.09 32.36 -2.10
C LEU B 371 -18.30 32.49 -3.04
N ILE B 372 -19.35 33.20 -2.60
CA ILE B 372 -20.55 33.41 -3.40
C ILE B 372 -20.46 34.79 -4.07
N PRO B 373 -20.28 34.84 -5.41
CA PRO B 373 -20.17 36.14 -6.10
C PRO B 373 -21.53 36.83 -6.29
N PRO B 374 -21.59 38.15 -6.62
CA PRO B 374 -22.90 38.82 -6.80
C PRO B 374 -23.78 38.27 -7.93
N HIS B 375 -23.18 37.66 -8.98
CA HIS B 375 -23.93 37.09 -10.11
C HIS B 375 -24.77 35.88 -9.71
N ALA B 376 -24.29 35.11 -8.71
CA ALA B 376 -24.95 33.91 -8.17
C ALA B 376 -25.73 34.24 -6.87
N ARG B 377 -25.88 35.53 -6.55
CA ARG B 377 -26.58 36.02 -5.36
C ARG B 377 -28.02 36.40 -5.71
#